data_4NUM
#
_entry.id   4NUM
#
_cell.length_a   59.751
_cell.length_b   221.152
_cell.length_c   72.239
_cell.angle_alpha   90.00
_cell.angle_beta   103.85
_cell.angle_gamma   90.00
#
_symmetry.space_group_name_H-M   'P 1 21 1'
#
loop_
_entity.id
_entity.type
_entity.pdbx_description
1 polymer Cadherin-2
2 non-polymer 'CALCIUM ION'
#
_entity_poly.entity_id   1
_entity_poly.type   'polypeptide(L)'
_entity_poly.pdbx_seq_one_letter_code
;DWVIPPINLPENSRGPFPQELVRIRSDRDKNLSLRYSVTGPGADQPPTGIFIINPISGQLSVTKPLDRELIARFHLRSHA
VDINGNQVENPMDIVINVIDMNDNRPEFLHQVWNGSVPEGSKPGTYVMTVTAIDADDPNALNGMLRYRILSQAPSTPSPN
MFTINNETGDIITVAAGLDREKVQQYTLIIQATDMEGNPTYGLSNTATAVITVTD
;
_entity_poly.pdbx_strand_id   A,B,C,D
#
loop_
_chem_comp.id
_chem_comp.type
_chem_comp.name
_chem_comp.formula
CA non-polymer 'CALCIUM ION' 'Ca 2'
#
# COMPACT_ATOMS: atom_id res chain seq x y z
N ASP A 1 28.25 -7.72 8.07
CA ASP A 1 28.55 -7.40 6.65
C ASP A 1 27.85 -6.08 6.21
N TRP A 2 28.57 -5.26 5.43
CA TRP A 2 27.96 -4.18 4.63
C TRP A 2 27.32 -4.83 3.42
N VAL A 3 25.98 -4.93 3.43
CA VAL A 3 25.27 -5.61 2.35
C VAL A 3 24.81 -4.58 1.30
N ILE A 4 24.46 -5.05 0.10
CA ILE A 4 23.82 -4.23 -0.93
C ILE A 4 22.30 -4.38 -0.81
N PRO A 5 21.57 -3.30 -1.12
CA PRO A 5 20.13 -3.32 -0.88
C PRO A 5 19.36 -4.09 -1.95
N PRO A 6 18.10 -4.46 -1.66
CA PRO A 6 17.28 -5.20 -2.61
C PRO A 6 17.22 -4.54 -3.99
N ILE A 7 17.28 -5.37 -5.03
CA ILE A 7 17.25 -4.90 -6.43
C ILE A 7 15.83 -4.96 -6.97
N ASN A 8 15.20 -3.79 -7.10
CA ASN A 8 13.83 -3.71 -7.59
C ASN A 8 13.82 -3.55 -9.10
N LEU A 9 13.03 -4.38 -9.75
CA LEU A 9 13.20 -4.64 -11.18
C LEU A 9 11.87 -4.82 -11.89
N PRO A 10 11.40 -3.78 -12.61
CA PRO A 10 10.15 -3.88 -13.36
C PRO A 10 10.05 -5.13 -14.25
N GLU A 11 8.89 -5.79 -14.20
CA GLU A 11 8.62 -6.95 -15.05
C GLU A 11 8.47 -6.50 -16.49
N ASN A 12 8.39 -7.45 -17.40
CA ASN A 12 8.33 -7.18 -18.83
C ASN A 12 9.44 -6.19 -19.21
N SER A 13 10.65 -6.53 -18.76
CA SER A 13 11.83 -5.72 -18.99
C SER A 13 12.05 -5.49 -20.49
N ARG A 14 12.36 -4.24 -20.84
CA ARG A 14 12.44 -3.82 -22.24
C ARG A 14 13.64 -4.44 -22.98
N GLY A 15 14.79 -4.47 -22.31
CA GLY A 15 16.05 -4.85 -22.95
C GLY A 15 16.85 -3.60 -23.29
N PRO A 16 17.97 -3.76 -24.01
CA PRO A 16 18.54 -5.00 -24.57
C PRO A 16 19.10 -5.95 -23.52
N PHE A 17 19.26 -7.22 -23.87
CA PHE A 17 19.69 -8.25 -22.91
C PHE A 17 21.01 -8.91 -23.30
N PRO A 18 21.85 -9.27 -22.31
CA PRO A 18 21.61 -9.23 -20.88
C PRO A 18 21.92 -7.86 -20.25
N GLN A 19 20.93 -7.24 -19.61
CA GLN A 19 21.14 -5.95 -18.95
C GLN A 19 21.80 -6.10 -17.57
N GLU A 20 22.65 -5.14 -17.23
CA GLU A 20 23.41 -5.19 -15.99
C GLU A 20 22.48 -4.74 -14.87
N LEU A 21 22.78 -5.17 -13.65
CA LEU A 21 22.00 -4.74 -12.48
C LEU A 21 22.89 -4.00 -11.51
N VAL A 22 23.91 -4.68 -11.01
CA VAL A 22 24.82 -4.10 -10.03
C VAL A 22 26.16 -4.81 -10.12
N ARG A 23 27.23 -4.07 -9.83
CA ARG A 23 28.57 -4.64 -9.75
C ARG A 23 28.88 -4.81 -8.28
N ILE A 24 29.31 -6.02 -7.90
CA ILE A 24 29.72 -6.30 -6.53
C ILE A 24 31.22 -6.60 -6.51
N ARG A 25 31.85 -6.42 -5.36
CA ARG A 25 33.21 -6.89 -5.19
C ARG A 25 33.61 -7.05 -3.72
N SER A 26 34.68 -7.83 -3.51
CA SER A 26 35.26 -8.06 -2.20
C SER A 26 36.53 -7.22 -2.11
N ASP A 27 36.75 -6.54 -0.99
CA ASP A 27 37.96 -5.72 -0.82
C ASP A 27 39.25 -6.55 -0.74
N ARG A 28 39.12 -7.88 -0.84
CA ARG A 28 40.27 -8.78 -0.93
C ARG A 28 40.96 -8.77 -2.31
N ASP A 29 40.39 -8.04 -3.28
CA ASP A 29 40.99 -7.87 -4.61
C ASP A 29 42.46 -7.56 -4.55
N LYS A 30 42.80 -6.58 -3.72
CA LYS A 30 44.11 -5.96 -3.69
C LYS A 30 45.20 -6.97 -3.30
N ASN A 31 44.83 -7.98 -2.52
CA ASN A 31 45.74 -9.05 -2.16
C ASN A 31 45.83 -10.12 -3.24
N LEU A 32 44.71 -10.77 -3.54
CA LEU A 32 44.72 -11.94 -4.42
C LEU A 32 43.68 -11.90 -5.53
N SER A 33 43.93 -12.70 -6.56
CA SER A 33 43.01 -12.83 -7.69
C SER A 33 41.82 -13.70 -7.27
N LEU A 34 40.61 -13.19 -7.53
CA LEU A 34 39.37 -13.79 -7.06
C LEU A 34 38.47 -14.29 -8.21
N ARG A 35 37.37 -14.94 -7.84
CA ARG A 35 36.37 -15.40 -8.81
C ARG A 35 34.97 -15.31 -8.20
N TYR A 36 34.08 -14.56 -8.84
CA TYR A 36 32.73 -14.37 -8.33
C TYR A 36 31.75 -15.37 -8.93
N SER A 37 30.67 -15.66 -8.21
CA SER A 37 29.62 -16.56 -8.69
C SER A 37 28.32 -16.38 -7.90
N VAL A 38 27.18 -16.68 -8.53
CA VAL A 38 25.88 -16.60 -7.84
C VAL A 38 25.12 -17.90 -7.90
N THR A 39 24.38 -18.19 -6.83
CA THR A 39 23.71 -19.46 -6.67
C THR A 39 22.27 -19.25 -6.21
N GLY A 40 21.43 -20.26 -6.42
CA GLY A 40 20.03 -20.22 -6.02
C GLY A 40 19.09 -20.23 -7.20
N PRO A 41 17.76 -20.28 -6.93
CA PRO A 41 16.73 -20.31 -7.96
C PRO A 41 16.68 -19.01 -8.75
N GLY A 42 16.97 -19.08 -10.05
CA GLY A 42 17.20 -17.90 -10.88
C GLY A 42 18.56 -18.00 -11.53
N ALA A 43 19.52 -18.52 -10.78
CA ALA A 43 20.90 -18.66 -11.26
C ALA A 43 21.22 -20.12 -11.61
N ASP A 44 21.68 -20.89 -10.62
CA ASP A 44 22.13 -22.26 -10.86
C ASP A 44 21.12 -23.30 -10.39
N GLN A 45 19.93 -22.84 -10.01
CA GLN A 45 18.79 -23.72 -9.73
C GLN A 45 17.60 -23.24 -10.55
N PRO A 46 16.69 -24.16 -10.89
CA PRO A 46 15.59 -23.78 -11.79
C PRO A 46 14.72 -22.66 -11.20
N PRO A 47 14.36 -21.66 -12.02
CA PRO A 47 14.70 -21.48 -13.43
C PRO A 47 16.11 -20.93 -13.62
N THR A 48 16.99 -21.70 -14.24
CA THR A 48 18.41 -21.35 -14.33
C THR A 48 18.72 -20.29 -15.39
N GLY A 49 19.83 -19.58 -15.18
CA GLY A 49 20.37 -18.69 -16.21
C GLY A 49 19.64 -17.36 -16.41
N ILE A 50 18.71 -17.05 -15.51
CA ILE A 50 18.01 -15.77 -15.58
C ILE A 50 18.91 -14.67 -15.04
N PHE A 51 19.65 -14.99 -13.97
CA PHE A 51 20.65 -14.10 -13.40
C PHE A 51 22.04 -14.72 -13.50
N ILE A 52 22.97 -13.94 -14.03
CA ILE A 52 24.33 -14.39 -14.28
C ILE A 52 25.28 -13.36 -13.72
N ILE A 53 26.52 -13.78 -13.47
CA ILE A 53 27.53 -12.87 -12.96
C ILE A 53 28.88 -13.09 -13.62
N ASN A 54 29.58 -12.00 -13.90
CA ASN A 54 30.91 -12.05 -14.52
C ASN A 54 31.92 -12.60 -13.52
N PRO A 55 32.50 -13.78 -13.83
CA PRO A 55 33.50 -14.37 -12.91
C PRO A 55 34.56 -13.37 -12.48
N ILE A 56 34.94 -12.44 -13.37
CA ILE A 56 36.00 -11.47 -13.09
C ILE A 56 35.51 -10.15 -12.48
N SER A 57 34.60 -9.46 -13.17
CA SER A 57 34.22 -8.10 -12.79
C SER A 57 33.25 -8.06 -11.62
N GLY A 58 32.41 -9.07 -11.53
CA GLY A 58 31.37 -9.13 -10.52
C GLY A 58 30.11 -8.42 -10.99
N GLN A 59 30.01 -8.18 -12.29
CA GLN A 59 28.83 -7.53 -12.86
C GLN A 59 27.68 -8.54 -12.99
N LEU A 60 26.71 -8.40 -12.09
CA LEU A 60 25.50 -9.21 -12.10
C LEU A 60 24.59 -8.72 -13.21
N SER A 61 24.03 -9.63 -13.98
CA SER A 61 23.17 -9.27 -15.09
C SER A 61 21.95 -10.17 -15.17
N VAL A 62 20.84 -9.61 -15.66
CA VAL A 62 19.64 -10.38 -15.95
C VAL A 62 19.59 -10.64 -17.45
N THR A 63 19.12 -11.83 -17.85
CA THR A 63 19.19 -12.27 -19.25
C THR A 63 17.87 -12.15 -20.05
N LYS A 64 16.76 -12.31 -19.34
CA LYS A 64 15.44 -12.45 -19.95
C LYS A 64 14.50 -11.39 -19.35
N PRO A 65 13.36 -11.11 -20.00
CA PRO A 65 12.39 -10.25 -19.30
C PRO A 65 11.66 -11.00 -18.22
N LEU A 66 11.43 -10.35 -17.09
CA LEU A 66 10.79 -10.99 -15.94
C LEU A 66 9.27 -10.90 -15.99
N ASP A 67 8.61 -11.65 -15.11
CA ASP A 67 7.14 -11.69 -15.03
C ASP A 67 6.73 -11.94 -13.59
N ARG A 68 6.17 -10.92 -12.93
CA ARG A 68 5.82 -11.01 -11.52
C ARG A 68 4.80 -12.12 -11.26
N GLU A 69 3.90 -12.32 -12.22
CA GLU A 69 2.85 -13.32 -12.09
C GLU A 69 3.39 -14.76 -11.99
N LEU A 70 4.58 -14.99 -12.52
CA LEU A 70 5.25 -16.30 -12.46
C LEU A 70 6.18 -16.42 -11.25
N ILE A 71 7.10 -15.47 -11.11
CA ILE A 71 7.99 -15.37 -9.95
C ILE A 71 8.05 -13.90 -9.53
N ALA A 72 7.69 -13.59 -8.29
CA ALA A 72 7.64 -12.20 -7.83
C ALA A 72 8.91 -11.77 -7.09
N ARG A 73 9.73 -12.74 -6.69
CA ARG A 73 10.90 -12.48 -5.87
C ARG A 73 11.96 -13.52 -6.16
N PHE A 74 13.23 -13.12 -6.14
CA PHE A 74 14.36 -14.06 -6.29
C PHE A 74 15.34 -13.88 -5.13
N HIS A 75 15.69 -14.98 -4.49
CA HIS A 75 16.69 -14.98 -3.43
C HIS A 75 17.95 -15.62 -3.95
N LEU A 76 18.97 -14.80 -4.18
CA LEU A 76 20.26 -15.27 -4.67
C LEU A 76 21.34 -15.04 -3.64
N ARG A 77 22.42 -15.82 -3.77
CA ARG A 77 23.59 -15.66 -2.91
C ARG A 77 24.83 -15.57 -3.79
N SER A 78 25.62 -14.51 -3.59
CA SER A 78 26.87 -14.32 -4.31
C SER A 78 28.05 -14.85 -3.48
N HIS A 79 29.10 -15.30 -4.15
CA HIS A 79 30.26 -15.89 -3.47
C HIS A 79 31.56 -15.27 -3.98
N ALA A 80 32.66 -15.55 -3.27
CA ALA A 80 33.99 -15.14 -3.71
C ALA A 80 35.02 -16.20 -3.34
N VAL A 81 35.80 -16.63 -4.33
CA VAL A 81 36.83 -17.65 -4.13
C VAL A 81 38.18 -17.21 -4.72
N ASP A 82 39.26 -17.76 -4.19
CA ASP A 82 40.62 -17.46 -4.65
C ASP A 82 41.01 -18.37 -5.82
N ILE A 83 42.27 -18.32 -6.25
CA ILE A 83 42.72 -19.09 -7.43
C ILE A 83 42.66 -20.61 -7.20
N ASN A 84 42.88 -21.07 -5.97
CA ASN A 84 42.72 -22.50 -5.67
C ASN A 84 41.41 -22.85 -4.93
N GLY A 85 40.38 -22.03 -5.13
CA GLY A 85 39.00 -22.42 -4.82
C GLY A 85 38.45 -22.18 -3.43
N ASN A 86 39.24 -21.61 -2.52
CA ASN A 86 38.79 -21.39 -1.13
C ASN A 86 37.89 -20.18 -1.00
N GLN A 87 36.87 -20.30 -0.15
CA GLN A 87 35.99 -19.17 0.17
C GLN A 87 36.76 -18.04 0.86
N VAL A 88 36.58 -16.81 0.39
CA VAL A 88 37.25 -15.65 1.00
C VAL A 88 36.28 -14.64 1.62
N GLU A 89 34.97 -14.88 1.47
CA GLU A 89 33.92 -14.04 2.04
C GLU A 89 32.69 -14.88 2.36
N ASN A 90 31.90 -14.43 3.34
CA ASN A 90 30.63 -15.06 3.67
C ASN A 90 29.57 -14.71 2.62
N PRO A 91 29.02 -15.73 1.94
CA PRO A 91 28.14 -15.46 0.80
C PRO A 91 27.11 -14.39 1.11
N MET A 92 26.99 -13.40 0.23
CA MET A 92 26.07 -12.28 0.45
C MET A 92 24.72 -12.55 -0.17
N ASP A 93 23.67 -12.32 0.60
CA ASP A 93 22.30 -12.44 0.11
C ASP A 93 22.03 -11.29 -0.84
N ILE A 94 21.53 -11.64 -2.03
CA ILE A 94 21.13 -10.67 -3.03
C ILE A 94 19.67 -10.92 -3.33
N VAL A 95 18.81 -10.02 -2.84
CA VAL A 95 17.36 -10.14 -3.00
C VAL A 95 16.89 -9.32 -4.19
N ILE A 96 16.10 -9.93 -5.06
CA ILE A 96 15.60 -9.24 -6.26
C ILE A 96 14.08 -9.29 -6.29
N ASN A 97 13.45 -8.15 -6.04
CA ASN A 97 12.01 -8.02 -6.09
C ASN A 97 11.63 -7.70 -7.52
N VAL A 98 10.71 -8.49 -8.10
CA VAL A 98 10.20 -8.19 -9.43
C VAL A 98 9.01 -7.25 -9.31
N ILE A 99 9.26 -5.96 -9.54
CA ILE A 99 8.23 -4.93 -9.39
C ILE A 99 7.07 -5.14 -10.38
N ASP A 100 5.86 -4.92 -9.89
CA ASP A 100 4.64 -5.19 -10.64
C ASP A 100 4.36 -4.14 -11.70
N MET A 101 3.94 -4.60 -12.88
CA MET A 101 3.48 -3.72 -13.95
C MET A 101 2.06 -4.10 -14.36
N ASN A 102 1.28 -3.09 -14.72
CA ASN A 102 -0.15 -3.28 -15.04
C ASN A 102 -0.34 -4.00 -16.38
N ASP A 103 0.03 -5.29 -16.41
CA ASP A 103 0.18 -6.00 -17.67
C ASP A 103 -0.94 -6.99 -17.97
N ASN A 104 -1.97 -7.04 -17.15
CA ASN A 104 -3.19 -7.80 -17.50
C ASN A 104 -4.46 -7.15 -16.95
N ARG A 105 -5.50 -7.20 -17.76
CA ARG A 105 -6.74 -6.46 -17.51
C ARG A 105 -7.68 -7.23 -16.61
N PRO A 106 -8.70 -6.54 -16.05
CA PRO A 106 -9.70 -7.23 -15.25
C PRO A 106 -10.45 -8.33 -16.01
N GLU A 107 -11.14 -9.18 -15.25
CA GLU A 107 -11.80 -10.36 -15.80
C GLU A 107 -12.96 -10.74 -14.89
N PHE A 108 -14.18 -10.71 -15.43
CA PHE A 108 -15.35 -11.16 -14.68
C PHE A 108 -15.42 -12.68 -14.68
N LEU A 109 -15.78 -13.24 -13.52
CA LEU A 109 -15.89 -14.68 -13.39
C LEU A 109 -16.84 -15.28 -14.42
N HIS A 110 -17.83 -14.49 -14.84
CA HIS A 110 -18.76 -14.87 -15.93
C HIS A 110 -19.04 -13.69 -16.87
N GLN A 111 -19.44 -14.04 -18.09
CA GLN A 111 -19.78 -13.06 -19.12
C GLN A 111 -21.17 -12.48 -18.92
N VAL A 112 -22.10 -13.33 -18.48
CA VAL A 112 -23.47 -12.93 -18.16
C VAL A 112 -23.76 -13.28 -16.72
N TRP A 113 -24.28 -12.33 -15.97
CA TRP A 113 -24.73 -12.55 -14.61
C TRP A 113 -26.23 -12.49 -14.60
N ASN A 114 -26.87 -13.23 -13.70
CA ASN A 114 -28.32 -13.17 -13.59
C ASN A 114 -28.79 -12.82 -12.18
N GLY A 115 -29.79 -11.95 -12.12
CA GLY A 115 -30.32 -11.47 -10.85
C GLY A 115 -31.80 -11.22 -10.92
N SER A 116 -32.40 -11.07 -9.74
CA SER A 116 -33.83 -10.91 -9.61
C SER A 116 -34.13 -9.77 -8.65
N VAL A 117 -35.35 -9.25 -8.73
CA VAL A 117 -35.81 -8.22 -7.79
C VAL A 117 -37.34 -8.11 -7.83
N PRO A 118 -37.98 -8.17 -6.65
CA PRO A 118 -39.45 -8.07 -6.64
C PRO A 118 -39.95 -6.69 -7.06
N GLU A 119 -41.05 -6.63 -7.79
CA GLU A 119 -41.57 -5.35 -8.30
C GLU A 119 -41.97 -4.40 -7.16
N GLY A 120 -41.94 -3.10 -7.44
CA GLY A 120 -42.21 -2.06 -6.45
C GLY A 120 -41.32 -2.10 -5.22
N SER A 121 -40.08 -2.57 -5.38
CA SER A 121 -39.12 -2.63 -4.28
C SER A 121 -38.62 -1.24 -3.92
N LYS A 122 -38.75 -0.92 -2.63
CA LYS A 122 -38.23 0.32 -2.06
C LYS A 122 -36.80 0.62 -2.53
N PRO A 123 -36.50 1.89 -2.84
CA PRO A 123 -35.10 2.27 -3.06
C PRO A 123 -34.20 1.83 -1.91
N GLY A 124 -33.07 1.22 -2.27
CA GLY A 124 -32.13 0.66 -1.29
C GLY A 124 -32.11 -0.85 -1.27
N THR A 125 -33.02 -1.48 -2.02
CA THR A 125 -33.13 -2.94 -2.04
C THR A 125 -31.98 -3.57 -2.82
N TYR A 126 -31.42 -4.64 -2.28
CA TYR A 126 -30.27 -5.33 -2.87
C TYR A 126 -30.74 -6.33 -3.92
N VAL A 127 -30.02 -6.42 -5.04
CA VAL A 127 -30.43 -7.31 -6.15
C VAL A 127 -29.47 -8.48 -6.43
N MET A 128 -28.18 -8.20 -6.51
CA MET A 128 -27.18 -9.20 -6.92
C MET A 128 -25.77 -8.66 -6.75
N THR A 129 -24.78 -9.54 -6.88
CA THR A 129 -23.37 -9.17 -6.78
C THR A 129 -22.55 -9.74 -7.93
N VAL A 130 -22.03 -8.85 -8.77
CA VAL A 130 -21.03 -9.24 -9.77
C VAL A 130 -19.63 -9.06 -9.19
N THR A 131 -18.72 -9.96 -9.55
CA THR A 131 -17.32 -9.84 -9.12
C THR A 131 -16.36 -10.22 -10.23
N ALA A 132 -15.26 -9.49 -10.30
CA ALA A 132 -14.20 -9.71 -11.27
C ALA A 132 -12.88 -9.84 -10.52
N ILE A 133 -11.82 -10.19 -11.25
CA ILE A 133 -10.50 -10.40 -10.66
C ILE A 133 -9.41 -9.82 -11.55
N ASP A 134 -8.22 -9.65 -10.98
CA ASP A 134 -7.06 -9.13 -11.71
C ASP A 134 -5.78 -9.82 -11.22
N ALA A 135 -5.00 -10.36 -12.15
CA ALA A 135 -3.79 -11.13 -11.81
C ALA A 135 -2.61 -10.28 -11.33
N ASP A 136 -2.77 -8.96 -11.36
CA ASP A 136 -1.80 -8.05 -10.77
C ASP A 136 -1.88 -8.10 -9.24
N ASP A 137 -0.94 -7.43 -8.58
CA ASP A 137 -0.87 -7.43 -7.12
C ASP A 137 -2.03 -6.64 -6.55
N PRO A 138 -2.92 -7.30 -5.76
CA PRO A 138 -4.03 -6.60 -5.13
C PRO A 138 -3.63 -5.34 -4.35
N ASN A 139 -2.41 -5.33 -3.81
CA ASN A 139 -1.92 -4.16 -3.05
C ASN A 139 -1.45 -3.02 -3.95
N ALA A 140 -1.00 -3.35 -5.16
CA ALA A 140 -0.63 -2.34 -6.14
C ALA A 140 -1.88 -1.77 -6.78
N LEU A 141 -1.76 -0.57 -7.35
CA LEU A 141 -2.87 0.05 -8.07
C LEU A 141 -3.28 -0.83 -9.26
N ASN A 142 -2.30 -1.51 -9.83
CA ASN A 142 -2.54 -2.42 -10.95
C ASN A 142 -3.63 -3.46 -10.69
N GLY A 143 -3.80 -3.84 -9.42
CA GLY A 143 -4.74 -4.88 -9.04
C GLY A 143 -6.04 -4.42 -8.39
N MET A 144 -6.12 -3.14 -8.00
CA MET A 144 -7.31 -2.62 -7.32
C MET A 144 -8.40 -2.26 -8.33
N LEU A 145 -9.57 -2.87 -8.18
CA LEU A 145 -10.67 -2.71 -9.13
C LEU A 145 -11.73 -1.72 -8.66
N ARG A 146 -12.45 -1.17 -9.62
CA ARG A 146 -13.66 -0.39 -9.32
C ARG A 146 -14.70 -0.66 -10.39
N TYR A 147 -15.93 -0.92 -9.95
CA TYR A 147 -17.02 -1.21 -10.86
C TYR A 147 -17.86 0.05 -11.10
N ARG A 148 -18.46 0.12 -12.29
CA ARG A 148 -19.43 1.16 -12.64
C ARG A 148 -20.39 0.57 -13.68
N ILE A 149 -21.61 1.08 -13.69
CA ILE A 149 -22.59 0.72 -14.72
C ILE A 149 -22.36 1.62 -15.93
N LEU A 150 -22.29 1.03 -17.12
CA LEU A 150 -22.20 1.81 -18.36
C LEU A 150 -23.61 2.14 -18.85
N SER A 151 -24.37 1.11 -19.22
CA SER A 151 -25.68 1.29 -19.86
C SER A 151 -26.81 0.60 -19.07
N GLN A 152 -28.04 0.83 -19.51
CA GLN A 152 -29.22 0.26 -18.86
C GLN A 152 -30.43 0.23 -19.80
N ALA A 153 -30.73 -0.96 -20.33
CA ALA A 153 -31.87 -1.14 -21.23
C ALA A 153 -32.99 -1.93 -20.55
N PRO A 154 -34.25 -1.45 -20.63
CA PRO A 154 -34.68 -0.19 -21.21
C PRO A 154 -34.46 0.91 -20.17
N SER A 155 -34.56 2.16 -20.59
CA SER A 155 -34.14 3.28 -19.72
C SER A 155 -35.29 3.93 -18.95
N THR A 156 -36.37 3.19 -18.73
CA THR A 156 -37.56 3.71 -18.03
C THR A 156 -37.88 2.83 -16.81
N PRO A 157 -38.50 3.42 -15.76
CA PRO A 157 -38.92 4.81 -15.62
C PRO A 157 -37.77 5.81 -15.38
N SER A 158 -36.61 5.32 -14.95
CA SER A 158 -35.41 6.15 -14.84
C SER A 158 -34.31 5.54 -15.69
N PRO A 159 -33.38 6.37 -16.20
CA PRO A 159 -32.29 5.85 -17.01
C PRO A 159 -31.19 5.20 -16.18
N ASN A 160 -31.28 5.37 -14.86
CA ASN A 160 -30.47 4.59 -13.92
C ASN A 160 -31.29 4.21 -12.69
N MET A 161 -31.95 3.06 -12.81
CA MET A 161 -32.71 2.46 -11.73
C MET A 161 -31.80 1.83 -10.70
N PHE A 162 -30.55 1.56 -11.07
CA PHE A 162 -29.60 0.88 -10.19
C PHE A 162 -28.29 1.62 -10.04
N THR A 163 -27.63 1.31 -8.92
CA THR A 163 -26.27 1.75 -8.68
C THR A 163 -25.43 0.55 -8.32
N ILE A 164 -24.21 0.53 -8.85
CA ILE A 164 -23.24 -0.49 -8.51
C ILE A 164 -22.47 0.06 -7.32
N ASN A 165 -22.08 -0.82 -6.39
CA ASN A 165 -21.17 -0.41 -5.33
C ASN A 165 -19.77 -0.26 -5.92
N ASN A 166 -19.24 0.95 -5.82
CA ASN A 166 -17.93 1.28 -6.35
C ASN A 166 -16.89 0.15 -6.18
N GLU A 167 -16.73 -0.32 -4.94
CA GLU A 167 -15.66 -1.25 -4.58
C GLU A 167 -16.03 -2.74 -4.63
N THR A 168 -17.24 -3.07 -4.18
CA THR A 168 -17.59 -4.44 -3.81
C THR A 168 -18.34 -5.24 -4.89
N GLY A 169 -18.94 -4.53 -5.84
CA GLY A 169 -19.69 -5.15 -6.92
C GLY A 169 -21.17 -5.37 -6.61
N ASP A 170 -21.60 -5.00 -5.41
CA ASP A 170 -22.99 -5.18 -5.00
C ASP A 170 -23.87 -4.16 -5.69
N ILE A 171 -24.92 -4.64 -6.36
CA ILE A 171 -25.85 -3.78 -7.07
C ILE A 171 -27.07 -3.53 -6.18
N ILE A 172 -27.54 -2.28 -6.14
CA ILE A 172 -28.64 -1.86 -5.29
C ILE A 172 -29.64 -1.07 -6.12
N THR A 173 -30.89 -1.00 -5.66
CA THR A 173 -31.89 -0.12 -6.28
C THR A 173 -31.76 1.32 -5.75
N VAL A 174 -31.70 2.28 -6.66
CA VAL A 174 -31.79 3.70 -6.28
C VAL A 174 -33.21 4.22 -6.52
N ALA A 175 -33.85 3.77 -7.59
CA ALA A 175 -35.16 4.26 -7.98
C ALA A 175 -36.31 3.39 -7.49
N ALA A 176 -37.50 3.98 -7.58
CA ALA A 176 -38.76 3.30 -7.35
C ALA A 176 -39.44 3.06 -8.71
N GLY A 177 -40.63 2.48 -8.68
CA GLY A 177 -41.43 2.30 -9.89
C GLY A 177 -41.06 1.08 -10.70
N LEU A 178 -40.60 0.04 -10.03
CA LEU A 178 -40.31 -1.23 -10.67
C LEU A 178 -41.63 -1.95 -10.89
N ASP A 179 -42.02 -2.09 -12.16
CA ASP A 179 -43.32 -2.62 -12.52
C ASP A 179 -43.12 -3.65 -13.62
N ARG A 180 -43.33 -4.92 -13.29
CA ARG A 180 -43.13 -6.02 -14.26
C ARG A 180 -43.94 -5.84 -15.53
N GLU A 181 -45.13 -5.27 -15.39
CA GLU A 181 -46.03 -5.06 -16.53
C GLU A 181 -45.53 -3.98 -17.49
N LYS A 182 -44.47 -3.27 -17.10
CA LYS A 182 -43.85 -2.24 -17.94
C LYS A 182 -42.47 -2.65 -18.41
N VAL A 183 -41.62 -3.06 -17.46
CA VAL A 183 -40.26 -3.54 -17.76
C VAL A 183 -39.99 -4.82 -16.97
N GLN A 184 -39.92 -5.95 -17.69
CA GLN A 184 -39.65 -7.27 -17.08
C GLN A 184 -38.18 -7.50 -16.78
N GLN A 185 -37.32 -7.12 -17.73
CA GLN A 185 -35.90 -7.39 -17.62
C GLN A 185 -35.06 -6.17 -17.97
N TYR A 186 -34.51 -5.55 -16.94
CA TYR A 186 -33.44 -4.56 -17.11
C TYR A 186 -32.17 -5.31 -17.40
N THR A 187 -31.35 -4.74 -18.27
CA THR A 187 -30.07 -5.36 -18.64
C THR A 187 -28.96 -4.30 -18.55
N LEU A 188 -28.01 -4.54 -17.66
CA LEU A 188 -26.93 -3.60 -17.41
C LEU A 188 -25.65 -4.11 -18.01
N ILE A 189 -24.81 -3.19 -18.46
CA ILE A 189 -23.41 -3.51 -18.77
C ILE A 189 -22.55 -2.89 -17.69
N ILE A 190 -21.90 -3.74 -16.91
CA ILE A 190 -21.00 -3.32 -15.84
C ILE A 190 -19.59 -3.32 -16.40
N GLN A 191 -18.79 -2.35 -15.96
CA GLN A 191 -17.38 -2.27 -16.33
C GLN A 191 -16.53 -2.28 -15.07
N ALA A 192 -15.65 -3.27 -14.95
CA ALA A 192 -14.62 -3.30 -13.92
C ALA A 192 -13.32 -2.75 -14.51
N THR A 193 -12.81 -1.70 -13.89
CA THR A 193 -11.58 -1.06 -14.34
C THR A 193 -10.60 -0.95 -13.18
N ASP A 194 -9.31 -1.09 -13.49
CA ASP A 194 -8.28 -1.17 -12.46
C ASP A 194 -7.56 0.17 -12.22
N MET A 195 -6.63 0.19 -11.27
CA MET A 195 -5.91 1.41 -10.87
C MET A 195 -6.90 2.40 -10.28
N GLU A 196 -7.69 1.93 -9.33
CA GLU A 196 -8.79 2.70 -8.72
C GLU A 196 -9.78 3.21 -9.78
N GLY A 197 -9.87 2.52 -10.91
CA GLY A 197 -10.72 2.96 -12.02
C GLY A 197 -10.29 4.27 -12.65
N ASN A 198 -8.98 4.50 -12.74
CA ASN A 198 -8.44 5.68 -13.40
C ASN A 198 -8.76 5.60 -14.89
N PRO A 199 -9.57 6.54 -15.40
CA PRO A 199 -9.99 6.46 -16.81
C PRO A 199 -8.84 6.35 -17.81
N THR A 200 -7.82 7.19 -17.64
CA THR A 200 -6.68 7.23 -18.58
C THR A 200 -5.77 6.01 -18.47
N TYR A 201 -5.29 5.75 -17.25
CA TYR A 201 -4.29 4.72 -17.02
C TYR A 201 -4.85 3.33 -16.70
N GLY A 202 -6.17 3.24 -16.52
CA GLY A 202 -6.80 1.97 -16.15
C GLY A 202 -7.17 1.07 -17.31
N LEU A 203 -6.90 -0.22 -17.17
CA LEU A 203 -7.42 -1.23 -18.08
C LEU A 203 -8.86 -1.56 -17.68
N SER A 204 -9.63 -2.09 -18.62
CA SER A 204 -11.02 -2.41 -18.36
C SER A 204 -11.49 -3.68 -19.04
N ASN A 205 -12.57 -4.22 -18.50
CA ASN A 205 -13.31 -5.26 -19.17
C ASN A 205 -14.77 -5.07 -18.75
N THR A 206 -15.71 -5.56 -19.55
CA THR A 206 -17.12 -5.45 -19.21
C THR A 206 -17.77 -6.81 -19.15
N ALA A 207 -18.95 -6.85 -18.55
CA ALA A 207 -19.79 -8.04 -18.52
C ALA A 207 -21.24 -7.56 -18.60
N THR A 208 -22.19 -8.49 -18.54
CA THR A 208 -23.61 -8.14 -18.57
C THR A 208 -24.33 -8.70 -17.36
N ALA A 209 -25.26 -7.91 -16.82
CA ALA A 209 -26.14 -8.35 -15.76
C ALA A 209 -27.59 -8.17 -16.21
N VAL A 210 -28.35 -9.25 -16.14
CA VAL A 210 -29.77 -9.23 -16.49
C VAL A 210 -30.60 -9.33 -15.22
N ILE A 211 -31.26 -8.23 -14.87
CA ILE A 211 -32.08 -8.16 -13.68
C ILE A 211 -33.55 -8.31 -14.09
N THR A 212 -34.11 -9.48 -13.79
CA THR A 212 -35.53 -9.73 -13.99
C THR A 212 -36.29 -9.16 -12.81
N VAL A 213 -37.40 -8.47 -13.09
CA VAL A 213 -38.26 -8.02 -12.01
C VAL A 213 -39.38 -9.06 -11.88
N THR A 214 -39.68 -9.47 -10.66
CA THR A 214 -40.61 -10.56 -10.40
C THR A 214 -41.91 -10.05 -9.79
N ASP A 215 -42.94 -10.89 -9.84
CA ASP A 215 -44.29 -10.47 -9.49
C ASP A 215 -44.56 -10.54 -7.99
N ASP B 1 35.49 -7.89 3.31
CA ASP B 1 34.08 -7.42 3.32
C ASP B 1 33.61 -7.18 1.90
N TRP B 2 32.36 -7.53 1.62
CA TRP B 2 31.73 -7.09 0.40
C TRP B 2 31.64 -5.58 0.47
N VAL B 3 31.93 -4.93 -0.65
CA VAL B 3 32.01 -3.48 -0.71
C VAL B 3 31.34 -3.04 -2.01
N ILE B 4 30.91 -1.79 -2.08
CA ILE B 4 30.43 -1.23 -3.33
C ILE B 4 31.63 -0.82 -4.17
N PRO B 5 31.48 -0.91 -5.51
CA PRO B 5 32.54 -0.55 -6.43
C PRO B 5 32.68 0.97 -6.57
N PRO B 6 33.66 1.44 -7.36
CA PRO B 6 33.77 2.87 -7.59
C PRO B 6 32.52 3.47 -8.24
N ILE B 7 32.29 4.76 -8.00
CA ILE B 7 31.19 5.49 -8.61
C ILE B 7 31.75 6.42 -9.67
N ASN B 8 31.22 6.33 -10.89
CA ASN B 8 31.63 7.21 -11.97
C ASN B 8 30.61 8.30 -12.20
N LEU B 9 31.09 9.49 -12.54
CA LEU B 9 30.27 10.70 -12.58
C LEU B 9 30.78 11.70 -13.61
N PRO B 10 29.96 12.01 -14.63
CA PRO B 10 30.32 13.10 -15.52
C PRO B 10 30.40 14.46 -14.81
N GLU B 11 31.45 15.22 -15.09
CA GLU B 11 31.57 16.59 -14.60
C GLU B 11 30.47 17.44 -15.22
N ASN B 12 30.33 18.67 -14.73
CA ASN B 12 29.37 19.62 -15.26
C ASN B 12 27.96 19.02 -15.32
N SER B 13 27.54 18.45 -14.20
CA SER B 13 26.22 17.85 -14.09
C SER B 13 25.12 18.87 -14.29
N ARG B 14 24.01 18.42 -14.88
CA ARG B 14 22.89 19.31 -15.21
C ARG B 14 22.05 19.61 -13.98
N GLY B 15 21.74 18.57 -13.24
CA GLY B 15 20.77 18.65 -12.15
C GLY B 15 19.45 18.09 -12.63
N PRO B 16 18.37 18.32 -11.87
CA PRO B 16 18.36 19.12 -10.64
C PRO B 16 19.06 18.42 -9.48
N PHE B 17 19.42 19.21 -8.47
CA PHE B 17 20.16 18.72 -7.33
C PHE B 17 19.28 18.64 -6.09
N PRO B 18 19.63 17.77 -5.14
CA PRO B 18 20.72 16.81 -5.22
C PRO B 18 20.32 15.57 -5.99
N GLN B 19 21.13 15.18 -6.97
CA GLN B 19 20.88 13.95 -7.71
C GLN B 19 21.54 12.81 -6.96
N GLU B 20 20.85 11.68 -6.87
CA GLU B 20 21.28 10.55 -6.03
C GLU B 20 22.16 9.59 -6.80
N LEU B 21 23.06 8.91 -6.09
CA LEU B 21 24.05 8.04 -6.70
C LEU B 21 23.84 6.58 -6.38
N VAL B 22 23.76 6.26 -5.09
CA VAL B 22 23.66 4.87 -4.63
C VAL B 22 23.19 4.76 -3.18
N ARG B 23 22.33 3.79 -2.91
CA ARG B 23 21.84 3.51 -1.58
C ARG B 23 22.67 2.38 -0.99
N ILE B 24 23.25 2.63 0.18
CA ILE B 24 24.00 1.61 0.93
C ILE B 24 23.28 1.31 2.24
N ARG B 25 23.53 0.12 2.78
CA ARG B 25 23.03 -0.22 4.12
C ARG B 25 23.80 -1.37 4.80
N SER B 26 23.63 -1.43 6.11
CA SER B 26 24.26 -2.43 6.96
C SER B 26 23.18 -3.40 7.39
N ASP B 27 23.44 -4.70 7.26
CA ASP B 27 22.43 -5.72 7.60
C ASP B 27 22.13 -5.84 9.10
N ARG B 28 22.58 -4.86 9.89
CA ARG B 28 22.25 -4.78 11.31
C ARG B 28 20.96 -4.00 11.55
N ASP B 29 20.40 -3.39 10.51
CA ASP B 29 19.16 -2.62 10.66
C ASP B 29 17.98 -3.46 11.13
N LYS B 30 18.07 -4.77 10.96
CA LYS B 30 17.04 -5.70 11.43
C LYS B 30 17.01 -5.76 12.96
N ASN B 31 18.19 -5.69 13.57
CA ASN B 31 18.30 -5.75 15.03
C ASN B 31 18.04 -4.40 15.67
N LEU B 32 18.82 -3.40 15.25
CA LEU B 32 18.80 -2.08 15.89
C LEU B 32 18.65 -0.94 14.89
N SER B 33 18.20 0.20 15.38
CA SER B 33 18.03 1.40 14.58
C SER B 33 19.41 2.04 14.35
N LEU B 34 19.72 2.27 13.07
CA LEU B 34 21.05 2.73 12.64
C LEU B 34 21.04 4.19 12.16
N ARG B 35 22.23 4.70 11.86
CA ARG B 35 22.43 6.09 11.52
C ARG B 35 23.66 6.19 10.62
N TYR B 36 23.48 6.54 9.36
CA TYR B 36 24.60 6.57 8.40
C TYR B 36 25.21 7.98 8.27
N SER B 37 26.46 8.03 7.85
CA SER B 37 27.18 9.29 7.69
C SER B 37 28.32 9.11 6.69
N VAL B 38 28.85 10.21 6.16
CA VAL B 38 30.03 10.15 5.27
C VAL B 38 31.12 11.15 5.68
N THR B 39 32.36 10.77 5.42
CA THR B 39 33.52 11.56 5.85
C THR B 39 34.59 11.60 4.78
N GLY B 40 35.36 12.69 4.79
CA GLY B 40 36.48 12.86 3.87
C GLY B 40 36.41 14.16 3.08
N PRO B 41 37.45 14.45 2.28
CA PRO B 41 37.43 15.58 1.37
C PRO B 41 36.33 15.40 0.32
N GLY B 42 35.29 16.22 0.40
CA GLY B 42 34.09 16.06 -0.43
C GLY B 42 32.83 15.98 0.41
N ALA B 43 32.98 15.42 1.61
CA ALA B 43 31.86 15.25 2.53
C ALA B 43 31.93 16.24 3.69
N ASP B 44 32.74 15.92 4.71
CA ASP B 44 32.89 16.79 5.90
C ASP B 44 34.18 17.62 5.90
N GLN B 45 35.18 17.22 5.12
CA GLN B 45 36.42 18.00 4.95
C GLN B 45 36.38 18.77 3.62
N PRO B 46 37.18 19.85 3.49
CA PRO B 46 37.13 20.68 2.30
C PRO B 46 37.47 19.93 1.01
N PRO B 47 36.72 20.15 -0.08
CA PRO B 47 35.52 20.99 -0.17
C PRO B 47 34.33 20.32 0.48
N THR B 48 33.62 21.04 1.35
CA THR B 48 32.56 20.46 2.17
C THR B 48 31.19 20.53 1.49
N GLY B 49 30.38 19.49 1.72
CA GLY B 49 28.99 19.46 1.31
C GLY B 49 28.70 18.92 -0.08
N ILE B 50 29.75 18.60 -0.85
CA ILE B 50 29.56 18.12 -2.24
C ILE B 50 28.82 16.79 -2.31
N PHE B 51 29.17 15.88 -1.39
CA PHE B 51 28.46 14.61 -1.26
C PHE B 51 27.81 14.49 0.12
N ILE B 52 26.62 13.91 0.14
CA ILE B 52 25.88 13.69 1.39
C ILE B 52 25.26 12.29 1.43
N ILE B 53 24.83 11.89 2.62
CA ILE B 53 24.13 10.62 2.82
C ILE B 53 22.94 10.78 3.75
N ASN B 54 21.82 10.15 3.39
CA ASN B 54 20.63 10.23 4.22
C ASN B 54 20.90 9.46 5.50
N PRO B 55 20.69 10.09 6.67
CA PRO B 55 20.96 9.42 7.95
C PRO B 55 20.25 8.08 8.10
N ILE B 56 18.97 8.04 7.72
CA ILE B 56 18.13 6.86 7.87
C ILE B 56 18.23 5.86 6.71
N SER B 57 18.00 6.33 5.48
CA SER B 57 17.92 5.43 4.30
C SER B 57 19.28 5.03 3.72
N GLY B 58 20.28 5.87 3.91
CA GLY B 58 21.64 5.59 3.43
C GLY B 58 21.88 5.98 1.99
N GLN B 59 20.94 6.70 1.40
CA GLN B 59 21.03 7.12 0.02
C GLN B 59 22.14 8.16 -0.15
N LEU B 60 23.15 7.81 -0.95
CA LEU B 60 24.25 8.73 -1.23
C LEU B 60 23.91 9.65 -2.41
N SER B 61 24.26 10.93 -2.28
CA SER B 61 23.89 11.94 -3.27
C SER B 61 25.00 12.96 -3.54
N VAL B 62 24.81 13.72 -4.62
CA VAL B 62 25.69 14.83 -5.00
C VAL B 62 24.87 16.12 -5.00
N THR B 63 25.45 17.21 -4.49
CA THR B 63 24.72 18.47 -4.33
C THR B 63 24.97 19.50 -5.44
N LYS B 64 26.10 19.38 -6.13
CA LYS B 64 26.64 20.44 -6.99
C LYS B 64 27.15 19.80 -8.28
N PRO B 65 27.34 20.60 -9.35
CA PRO B 65 28.04 20.05 -10.50
C PRO B 65 29.52 19.87 -10.22
N LEU B 66 30.11 18.80 -10.75
CA LEU B 66 31.52 18.49 -10.51
C LEU B 66 32.42 19.06 -11.61
N ASP B 67 33.73 19.04 -11.37
CA ASP B 67 34.72 19.58 -12.30
C ASP B 67 36.00 18.76 -12.23
N ARG B 68 36.29 18.01 -13.29
CA ARG B 68 37.45 17.12 -13.34
C ARG B 68 38.77 17.87 -13.26
N GLU B 69 38.80 19.08 -13.83
CA GLU B 69 40.02 19.86 -13.89
C GLU B 69 40.34 20.53 -12.56
N LEU B 70 39.47 20.37 -11.56
CA LEU B 70 39.72 20.85 -10.20
C LEU B 70 39.90 19.68 -9.21
N ILE B 71 38.95 18.75 -9.17
CA ILE B 71 39.09 17.47 -8.43
C ILE B 71 38.57 16.33 -9.33
N ALA B 72 39.45 15.37 -9.66
CA ALA B 72 39.10 14.30 -10.59
C ALA B 72 38.74 12.98 -9.90
N ARG B 73 38.95 12.92 -8.59
CA ARG B 73 38.72 11.69 -7.81
C ARG B 73 38.39 12.05 -6.37
N PHE B 74 37.43 11.36 -5.78
CA PHE B 74 37.06 11.60 -4.38
C PHE B 74 37.16 10.31 -3.59
N HIS B 75 37.85 10.38 -2.44
N HIS B 75 37.86 10.37 -2.44
CA HIS B 75 37.97 9.26 -1.52
CA HIS B 75 37.93 9.24 -1.53
C HIS B 75 37.14 9.54 -0.27
C HIS B 75 37.13 9.54 -0.28
N LEU B 76 35.95 8.93 -0.19
CA LEU B 76 35.07 9.08 0.97
C LEU B 76 35.08 7.82 1.83
N ARG B 77 34.38 7.89 2.95
CA ARG B 77 34.15 6.74 3.80
C ARG B 77 32.75 6.83 4.39
N SER B 78 31.98 5.76 4.30
CA SER B 78 30.66 5.68 4.92
C SER B 78 30.76 4.98 6.26
N HIS B 79 29.97 5.43 7.22
CA HIS B 79 29.92 4.83 8.54
C HIS B 79 28.50 4.41 8.85
N ALA B 80 28.36 3.53 9.84
CA ALA B 80 27.07 3.18 10.40
C ALA B 80 27.21 3.14 11.91
N VAL B 81 26.37 3.90 12.61
CA VAL B 81 26.39 3.92 14.07
C VAL B 81 25.04 3.57 14.66
N ASP B 82 25.06 2.98 15.84
CA ASP B 82 23.84 2.64 16.56
C ASP B 82 23.24 3.87 17.23
N ILE B 83 22.11 3.70 17.89
CA ILE B 83 21.45 4.81 18.57
C ILE B 83 22.38 5.55 19.54
N ASN B 84 23.13 4.82 20.36
CA ASN B 84 24.01 5.49 21.33
C ASN B 84 25.35 6.02 20.76
N GLY B 85 25.68 5.65 19.52
CA GLY B 85 26.79 6.29 18.80
C GLY B 85 28.01 5.43 18.47
N ASN B 86 27.99 4.15 18.86
CA ASN B 86 29.07 3.22 18.57
C ASN B 86 29.07 2.78 17.11
N GLN B 87 30.25 2.58 16.53
CA GLN B 87 30.39 1.98 15.20
C GLN B 87 29.76 0.60 15.21
N VAL B 88 29.07 0.23 14.13
CA VAL B 88 28.56 -1.15 13.98
C VAL B 88 29.11 -1.85 12.73
N GLU B 89 29.91 -1.15 11.94
CA GLU B 89 30.57 -1.72 10.77
C GLU B 89 31.92 -1.04 10.55
N ASN B 90 32.85 -1.77 9.92
CA ASN B 90 34.11 -1.19 9.45
C ASN B 90 33.79 -0.16 8.39
N PRO B 91 34.24 1.08 8.57
CA PRO B 91 33.94 2.10 7.57
C PRO B 91 34.24 1.60 6.15
N MET B 92 33.31 1.80 5.23
CA MET B 92 33.47 1.36 3.85
C MET B 92 34.04 2.51 3.01
N ASP B 93 35.16 2.23 2.33
CA ASP B 93 35.77 3.21 1.44
C ASP B 93 34.91 3.35 0.20
N ILE B 94 34.69 4.60 -0.20
CA ILE B 94 33.91 4.91 -1.39
C ILE B 94 34.74 5.77 -2.32
N VAL B 95 35.01 5.25 -3.50
CA VAL B 95 35.80 5.95 -4.51
C VAL B 95 34.86 6.55 -5.53
N ILE B 96 35.06 7.83 -5.85
CA ILE B 96 34.24 8.51 -6.85
C ILE B 96 35.11 9.16 -7.91
N ASN B 97 34.98 8.67 -9.14
CA ASN B 97 35.73 9.18 -10.28
C ASN B 97 34.92 10.21 -11.03
N VAL B 98 35.52 11.37 -11.26
CA VAL B 98 34.87 12.39 -12.07
C VAL B 98 35.23 12.14 -13.54
N ILE B 99 34.31 11.52 -14.27
CA ILE B 99 34.49 11.26 -15.70
C ILE B 99 34.63 12.58 -16.44
N ASP B 100 35.47 12.57 -17.48
CA ASP B 100 35.79 13.75 -18.27
C ASP B 100 34.68 14.15 -19.23
N MET B 101 34.48 15.45 -19.37
CA MET B 101 33.63 16.02 -20.41
C MET B 101 34.46 17.03 -21.19
N ASN B 102 34.21 17.14 -22.49
CA ASN B 102 34.92 18.12 -23.31
C ASN B 102 34.41 19.51 -22.99
N ASP B 103 35.01 20.14 -21.99
CA ASP B 103 34.52 21.41 -21.47
C ASP B 103 35.48 22.58 -21.68
N ASN B 104 36.68 22.33 -22.22
CA ASN B 104 37.57 23.43 -22.63
C ASN B 104 38.35 23.15 -23.91
N ARG B 105 38.37 24.17 -24.77
CA ARG B 105 38.90 24.07 -26.12
C ARG B 105 40.42 24.02 -26.10
N PRO B 106 41.02 23.60 -27.23
CA PRO B 106 42.49 23.57 -27.33
C PRO B 106 43.14 24.94 -27.19
N GLU B 107 44.43 24.93 -26.94
CA GLU B 107 45.17 26.14 -26.63
C GLU B 107 46.58 25.97 -27.19
N PHE B 108 46.97 26.85 -28.10
CA PHE B 108 48.34 26.82 -28.61
C PHE B 108 49.30 27.38 -27.57
N LEU B 109 50.54 26.92 -27.61
CA LEU B 109 51.54 27.38 -26.66
C LEU B 109 51.97 28.81 -26.98
N HIS B 110 51.90 29.20 -28.25
CA HIS B 110 52.16 30.57 -28.68
C HIS B 110 51.13 31.01 -29.72
N GLN B 111 50.78 32.29 -29.69
CA GLN B 111 49.88 32.84 -30.68
C GLN B 111 50.56 32.91 -32.03
N VAL B 112 51.77 33.49 -32.04
CA VAL B 112 52.56 33.65 -33.26
C VAL B 112 53.76 32.71 -33.21
N TRP B 113 53.82 31.78 -34.16
CA TRP B 113 54.95 30.87 -34.31
C TRP B 113 55.81 31.30 -35.50
N ASN B 114 57.13 31.33 -35.32
CA ASN B 114 58.05 31.71 -36.39
C ASN B 114 58.83 30.51 -36.91
N GLY B 115 59.21 30.56 -38.19
CA GLY B 115 59.91 29.44 -38.84
C GLY B 115 60.70 29.84 -40.08
N SER B 116 61.58 28.94 -40.52
CA SER B 116 62.52 29.21 -41.60
C SER B 116 62.51 28.11 -42.68
N VAL B 117 62.94 28.48 -43.89
CA VAL B 117 63.12 27.53 -44.99
C VAL B 117 64.01 28.17 -46.07
N PRO B 118 65.02 27.44 -46.56
CA PRO B 118 65.89 28.03 -47.60
C PRO B 118 65.20 28.06 -48.97
N GLU B 119 65.40 29.15 -49.72
CA GLU B 119 64.66 29.37 -50.99
C GLU B 119 64.80 28.21 -51.96
N GLY B 120 63.76 28.00 -52.77
CA GLY B 120 63.71 26.93 -53.77
C GLY B 120 63.70 25.52 -53.23
N SER B 121 63.37 25.36 -51.94
CA SER B 121 63.51 24.07 -51.25
C SER B 121 62.69 22.94 -51.87
N LYS B 122 63.26 21.75 -51.79
CA LYS B 122 62.64 20.48 -52.22
C LYS B 122 61.28 20.27 -51.52
N PRO B 123 60.28 19.70 -52.24
CA PRO B 123 59.05 19.20 -51.60
C PRO B 123 59.29 18.03 -50.63
N GLY B 124 58.89 18.21 -49.37
CA GLY B 124 59.16 17.25 -48.30
C GLY B 124 59.98 17.83 -47.15
N THR B 125 60.37 19.10 -47.24
CA THR B 125 61.21 19.74 -46.23
C THR B 125 60.43 20.10 -44.94
N TYR B 126 60.98 19.70 -43.79
CA TYR B 126 60.50 20.19 -42.50
C TYR B 126 60.86 21.67 -42.40
N VAL B 127 59.94 22.48 -41.90
CA VAL B 127 60.19 23.92 -41.72
C VAL B 127 60.05 24.34 -40.25
N MET B 128 59.03 23.81 -39.57
CA MET B 128 58.81 24.09 -38.15
C MET B 128 57.81 23.08 -37.59
N THR B 129 57.52 23.19 -36.29
CA THR B 129 56.48 22.37 -35.68
C THR B 129 55.65 23.18 -34.66
N VAL B 130 54.33 23.15 -34.83
CA VAL B 130 53.40 23.84 -33.92
C VAL B 130 52.62 22.80 -33.11
N THR B 131 52.44 23.09 -31.82
CA THR B 131 51.75 22.18 -30.91
C THR B 131 50.82 22.93 -29.97
N ALA B 132 49.61 22.39 -29.80
CA ALA B 132 48.61 22.92 -28.89
C ALA B 132 48.32 21.89 -27.80
N ILE B 133 47.90 22.39 -26.64
CA ILE B 133 47.59 21.53 -25.50
C ILE B 133 46.07 21.52 -25.28
N ASP B 134 45.63 20.72 -24.33
CA ASP B 134 44.21 20.61 -24.01
C ASP B 134 44.05 20.18 -22.55
N ALA B 135 43.31 20.97 -21.78
CA ALA B 135 43.11 20.69 -20.35
C ALA B 135 42.23 19.47 -20.08
N ASP B 136 41.68 18.87 -21.13
CA ASP B 136 40.91 17.63 -21.02
C ASP B 136 41.84 16.40 -20.99
N ASP B 137 41.26 15.21 -20.77
CA ASP B 137 42.01 13.96 -20.63
C ASP B 137 42.70 13.57 -21.93
N PRO B 138 44.06 13.56 -21.95
CA PRO B 138 44.78 13.17 -23.16
C PRO B 138 44.32 11.84 -23.75
N ASN B 139 43.96 10.90 -22.86
CA ASN B 139 43.53 9.55 -23.25
C ASN B 139 42.05 9.44 -23.66
N ALA B 140 41.25 10.46 -23.38
CA ALA B 140 39.88 10.53 -23.89
C ALA B 140 39.88 11.23 -25.24
N LEU B 141 38.74 11.24 -25.92
CA LEU B 141 38.62 11.95 -27.21
C LEU B 141 38.60 13.46 -26.99
N ASN B 142 38.19 13.87 -25.80
CA ASN B 142 38.07 15.29 -25.45
C ASN B 142 39.40 16.05 -25.48
N GLY B 143 40.51 15.32 -25.40
CA GLY B 143 41.84 15.93 -25.41
C GLY B 143 42.77 15.44 -26.51
N MET B 144 42.19 14.85 -27.56
CA MET B 144 42.97 14.37 -28.70
C MET B 144 42.79 15.31 -29.89
N LEU B 145 43.86 16.05 -30.21
CA LEU B 145 43.84 17.10 -31.22
C LEU B 145 44.18 16.61 -32.62
N ARG B 146 43.70 17.34 -33.63
CA ARG B 146 44.16 17.19 -35.02
C ARG B 146 44.38 18.58 -35.60
N TYR B 147 45.59 18.83 -36.06
CA TYR B 147 45.95 20.12 -36.62
C TYR B 147 45.59 20.16 -38.11
N ARG B 148 45.47 21.37 -38.66
CA ARG B 148 45.28 21.59 -40.11
C ARG B 148 45.30 23.08 -40.47
N ILE B 149 45.75 23.38 -41.68
CA ILE B 149 45.91 24.76 -42.14
C ILE B 149 44.60 25.29 -42.71
N LEU B 150 44.21 26.50 -42.30
CA LEU B 150 42.95 27.10 -42.75
C LEU B 150 43.13 28.04 -43.93
N SER B 151 44.24 28.78 -43.94
CA SER B 151 44.56 29.65 -45.07
C SER B 151 46.04 30.06 -45.08
N GLN B 152 46.46 30.61 -46.22
CA GLN B 152 47.84 31.01 -46.46
C GLN B 152 47.86 32.45 -46.97
N ALA B 153 48.99 33.12 -46.81
CA ALA B 153 49.15 34.47 -47.37
C ALA B 153 50.61 34.82 -47.67
N PRO B 154 50.93 35.08 -48.95
CA PRO B 154 50.03 35.13 -50.11
C PRO B 154 49.69 33.73 -50.62
N SER B 155 48.92 33.67 -51.70
CA SER B 155 48.53 32.40 -52.33
C SER B 155 49.29 32.15 -53.65
N THR B 156 50.54 32.59 -53.72
CA THR B 156 51.40 32.36 -54.89
C THR B 156 52.75 31.79 -54.46
N PRO B 157 53.39 30.97 -55.33
CA PRO B 157 52.90 30.49 -56.63
C PRO B 157 51.74 29.50 -56.53
N SER B 158 51.67 28.73 -55.44
CA SER B 158 50.52 27.86 -55.17
C SER B 158 49.68 28.46 -54.07
N PRO B 159 48.37 28.12 -54.03
CA PRO B 159 47.53 28.55 -52.92
C PRO B 159 47.84 27.82 -51.60
N ASN B 160 48.39 26.61 -51.71
CA ASN B 160 48.84 25.82 -50.54
C ASN B 160 50.23 25.21 -50.73
N MET B 161 51.24 25.99 -50.36
CA MET B 161 52.64 25.60 -50.50
C MET B 161 53.04 24.59 -49.43
N PHE B 162 52.32 24.58 -48.32
CA PHE B 162 52.66 23.76 -47.17
C PHE B 162 51.56 22.76 -46.85
N THR B 163 51.85 21.87 -45.91
CA THR B 163 50.85 20.99 -45.33
C THR B 163 51.24 20.71 -43.88
N ILE B 164 50.25 20.34 -43.06
CA ILE B 164 50.50 20.09 -41.64
C ILE B 164 50.39 18.60 -41.36
N ASN B 165 51.38 18.06 -40.66
CA ASN B 165 51.31 16.71 -40.16
C ASN B 165 50.06 16.59 -39.28
N ASN B 166 49.03 16.01 -39.87
CA ASN B 166 47.72 15.84 -39.24
C ASN B 166 47.69 15.62 -37.70
N GLU B 167 48.69 14.91 -37.18
CA GLU B 167 48.74 14.58 -35.75
C GLU B 167 49.82 15.33 -34.98
N THR B 168 51.05 15.29 -35.46
CA THR B 168 52.19 15.81 -34.70
C THR B 168 52.27 17.33 -34.67
N GLY B 169 51.99 17.96 -35.81
CA GLY B 169 52.11 19.40 -35.96
C GLY B 169 53.38 19.83 -36.67
N ASP B 170 54.07 18.89 -37.30
CA ASP B 170 55.22 19.20 -38.16
C ASP B 170 54.73 19.75 -39.48
N ILE B 171 55.18 20.97 -39.81
CA ILE B 171 54.82 21.60 -41.08
C ILE B 171 55.84 21.20 -42.14
N ILE B 172 55.33 20.76 -43.29
CA ILE B 172 56.14 20.21 -44.38
C ILE B 172 55.75 20.86 -45.72
N THR B 173 56.74 21.21 -46.54
CA THR B 173 56.47 21.82 -47.85
C THR B 173 55.96 20.76 -48.85
N VAL B 174 54.92 21.10 -49.60
CA VAL B 174 54.38 20.18 -50.62
C VAL B 174 54.46 20.76 -52.03
N ALA B 175 55.21 21.84 -52.20
CA ALA B 175 55.40 22.46 -53.51
C ALA B 175 56.73 23.22 -53.58
N ALA B 176 57.32 23.21 -54.77
CA ALA B 176 58.57 23.90 -55.03
C ALA B 176 58.27 25.26 -55.68
N GLY B 177 59.33 25.97 -56.04
CA GLY B 177 59.19 27.30 -56.58
C GLY B 177 59.16 28.32 -55.46
N LEU B 178 59.83 28.00 -54.36
CA LEU B 178 60.05 28.96 -53.28
C LEU B 178 61.13 29.92 -53.74
N ASP B 179 60.93 31.22 -53.51
CA ASP B 179 61.80 32.25 -54.07
C ASP B 179 61.72 33.52 -53.23
N ARG B 180 62.84 33.98 -52.69
CA ARG B 180 62.83 35.18 -51.84
C ARG B 180 62.46 36.46 -52.59
N GLU B 181 62.71 36.49 -53.89
CA GLU B 181 62.43 37.67 -54.71
C GLU B 181 60.98 37.76 -55.21
N LYS B 182 60.23 36.65 -55.10
CA LYS B 182 58.81 36.65 -55.45
C LYS B 182 57.93 36.74 -54.20
N VAL B 183 58.07 35.75 -53.32
CA VAL B 183 57.34 35.73 -52.05
C VAL B 183 58.32 35.52 -50.91
N GLN B 184 58.61 36.60 -50.18
CA GLN B 184 59.59 36.58 -49.10
C GLN B 184 59.09 35.83 -47.86
N GLN B 185 57.89 36.19 -47.39
CA GLN B 185 57.30 35.62 -46.18
C GLN B 185 55.89 35.08 -46.43
N TYR B 186 55.69 33.81 -46.15
CA TYR B 186 54.34 33.26 -46.02
C TYR B 186 53.87 33.43 -44.59
N THR B 187 52.57 33.32 -44.39
CA THR B 187 51.99 33.35 -43.05
C THR B 187 50.71 32.52 -43.05
N LEU B 188 50.72 31.42 -42.30
CA LEU B 188 49.60 30.48 -42.23
C LEU B 188 48.74 30.68 -40.99
N ILE B 189 47.50 30.22 -41.05
CA ILE B 189 46.65 30.10 -39.87
C ILE B 189 46.31 28.64 -39.65
N ILE B 190 46.84 28.08 -38.56
CA ILE B 190 46.65 26.69 -38.21
C ILE B 190 45.53 26.62 -37.19
N GLN B 191 44.81 25.51 -37.20
CA GLN B 191 43.66 25.30 -36.32
C GLN B 191 43.72 23.93 -35.64
N ALA B 192 43.94 23.94 -34.33
CA ALA B 192 43.85 22.73 -33.52
C ALA B 192 42.39 22.44 -33.18
N THR B 193 41.96 21.21 -33.45
CA THR B 193 40.58 20.78 -33.22
C THR B 193 40.58 19.44 -32.50
N ASP B 194 39.90 19.37 -31.37
CA ASP B 194 39.90 18.16 -30.54
C ASP B 194 38.88 17.11 -31.01
N MET B 195 38.94 15.92 -30.41
CA MET B 195 38.02 14.82 -30.70
C MET B 195 38.28 14.20 -32.05
N GLU B 196 39.53 13.77 -32.24
CA GLU B 196 40.00 13.24 -33.53
C GLU B 196 39.66 14.24 -34.65
N GLY B 197 39.69 15.52 -34.32
CA GLY B 197 39.34 16.59 -35.26
C GLY B 197 37.89 16.66 -35.71
N ASN B 198 37.02 15.89 -35.05
CA ASN B 198 35.62 15.80 -35.46
C ASN B 198 35.01 17.19 -35.64
N PRO B 199 34.74 17.58 -36.91
CA PRO B 199 34.29 18.94 -37.25
C PRO B 199 32.98 19.38 -36.58
N THR B 200 32.05 18.46 -36.36
CA THR B 200 30.73 18.78 -35.80
C THR B 200 30.82 19.06 -34.31
N TYR B 201 31.31 18.09 -33.55
CA TYR B 201 31.31 18.16 -32.09
C TYR B 201 32.52 18.93 -31.54
N GLY B 202 33.70 18.69 -32.11
CA GLY B 202 34.96 19.17 -31.54
C GLY B 202 35.15 20.68 -31.40
N LEU B 203 35.83 21.09 -30.34
CA LEU B 203 36.16 22.50 -30.09
C LEU B 203 37.47 22.86 -30.76
N SER B 204 37.59 24.11 -31.20
CA SER B 204 38.77 24.54 -31.94
C SER B 204 39.33 25.88 -31.48
N ASN B 205 40.59 26.10 -31.82
CA ASN B 205 41.26 27.38 -31.59
C ASN B 205 42.33 27.53 -32.66
N THR B 206 42.69 28.77 -33.00
CA THR B 206 43.66 29.02 -34.06
C THR B 206 44.91 29.77 -33.58
N ALA B 207 46.00 29.59 -34.32
CA ALA B 207 47.23 30.32 -34.10
C ALA B 207 47.92 30.57 -35.44
N THR B 208 48.90 31.48 -35.43
CA THR B 208 49.55 31.93 -36.66
C THR B 208 50.92 31.27 -36.80
N ALA B 209 51.33 31.02 -38.04
CA ALA B 209 52.67 30.52 -38.36
C ALA B 209 53.32 31.36 -39.45
N VAL B 210 54.37 32.09 -39.08
CA VAL B 210 55.08 33.01 -40.00
C VAL B 210 56.38 32.37 -40.52
N ILE B 211 56.35 31.93 -41.79
CA ILE B 211 57.47 31.21 -42.40
C ILE B 211 58.27 32.09 -43.38
N THR B 212 59.48 32.48 -42.98
CA THR B 212 60.37 33.30 -43.80
C THR B 212 61.24 32.43 -44.70
N VAL B 213 61.26 32.71 -46.02
CA VAL B 213 62.17 32.03 -46.95
C VAL B 213 63.48 32.82 -47.04
N THR B 214 64.62 32.12 -47.06
CA THR B 214 65.94 32.76 -46.97
C THR B 214 66.87 32.41 -48.14
N ASP B 215 67.82 33.32 -48.40
CA ASP B 215 68.76 33.20 -49.52
C ASP B 215 69.58 31.92 -49.44
N ASP C 1 -13.10 -32.46 11.76
CA ASP C 1 -12.85 -31.17 11.06
C ASP C 1 -13.10 -30.00 12.00
N TRP C 2 -12.25 -28.98 11.92
CA TRP C 2 -12.52 -27.72 12.60
C TRP C 2 -13.58 -26.98 11.80
N VAL C 3 -14.77 -26.88 12.39
CA VAL C 3 -15.91 -26.25 11.74
C VAL C 3 -16.17 -24.88 12.36
N ILE C 4 -16.93 -24.03 11.66
CA ILE C 4 -17.42 -22.79 12.26
C ILE C 4 -18.69 -23.04 13.05
N PRO C 5 -18.87 -22.31 14.15
CA PRO C 5 -20.04 -22.47 15.01
C PRO C 5 -21.29 -21.89 14.38
N PRO C 6 -22.46 -22.14 15.00
CA PRO C 6 -23.69 -21.51 14.53
C PRO C 6 -23.61 -19.98 14.46
N ILE C 7 -24.24 -19.40 13.44
CA ILE C 7 -24.36 -17.95 13.29
C ILE C 7 -25.71 -17.54 13.86
N ASN C 8 -25.70 -16.55 14.75
CA ASN C 8 -26.93 -16.05 15.35
C ASN C 8 -27.27 -14.65 14.88
N LEU C 9 -28.48 -14.50 14.36
CA LEU C 9 -28.87 -13.29 13.64
C LEU C 9 -30.23 -12.75 14.08
N PRO C 10 -30.27 -11.49 14.57
CA PRO C 10 -31.55 -10.84 14.81
C PRO C 10 -32.39 -10.74 13.55
N GLU C 11 -33.68 -11.04 13.68
CA GLU C 11 -34.63 -10.77 12.61
C GLU C 11 -34.77 -9.25 12.45
N ASN C 12 -35.36 -8.85 11.34
CA ASN C 12 -35.61 -7.44 11.06
C ASN C 12 -34.30 -6.63 11.12
N SER C 13 -33.30 -7.14 10.41
CA SER C 13 -32.00 -6.49 10.32
C SER C 13 -32.13 -5.14 9.61
N ARG C 14 -31.33 -4.17 10.05
CA ARG C 14 -31.38 -2.82 9.52
C ARG C 14 -30.71 -2.70 8.16
N GLY C 15 -29.51 -3.27 8.05
CA GLY C 15 -28.69 -3.11 6.88
C GLY C 15 -27.64 -2.03 7.12
N PRO C 16 -27.08 -1.46 6.04
CA PRO C 16 -27.39 -1.76 4.64
C PRO C 16 -26.98 -3.17 4.21
N PHE C 17 -27.47 -3.59 3.05
CA PHE C 17 -27.22 -4.93 2.53
C PHE C 17 -26.32 -4.92 1.28
N PRO C 18 -25.61 -6.03 1.03
CA PRO C 18 -25.52 -7.19 1.90
C PRO C 18 -24.58 -6.92 3.06
N GLN C 19 -24.95 -7.35 4.26
CA GLN C 19 -24.09 -7.24 5.43
C GLN C 19 -23.41 -8.58 5.64
N GLU C 20 -22.13 -8.54 5.96
CA GLU C 20 -21.33 -9.75 6.03
C GLU C 20 -21.48 -10.41 7.38
N LEU C 21 -21.33 -11.73 7.39
CA LEU C 21 -21.42 -12.53 8.60
C LEU C 21 -20.05 -13.12 8.96
N VAL C 22 -19.48 -13.90 8.05
CA VAL C 22 -18.25 -14.62 8.34
C VAL C 22 -17.51 -15.01 7.06
N ARG C 23 -16.19 -14.85 7.08
CA ARG C 23 -15.32 -15.25 5.98
C ARG C 23 -14.78 -16.66 6.26
N ILE C 24 -14.91 -17.55 5.28
CA ILE C 24 -14.36 -18.90 5.39
C ILE C 24 -13.29 -19.12 4.33
N ARG C 25 -12.39 -20.06 4.57
CA ARG C 25 -11.45 -20.48 3.53
C ARG C 25 -10.88 -21.87 3.78
N SER C 26 -10.34 -22.46 2.71
CA SER C 26 -9.70 -23.77 2.75
C SER C 26 -8.21 -23.56 2.65
N ASP C 27 -7.43 -24.16 3.57
CA ASP C 27 -5.97 -23.97 3.60
C ASP C 27 -5.26 -24.49 2.35
N ARG C 28 -6.04 -24.94 1.36
CA ARG C 28 -5.52 -25.36 0.06
C ARG C 28 -5.28 -24.18 -0.89
N ASP C 29 -5.66 -22.96 -0.50
CA ASP C 29 -5.53 -21.80 -1.39
C ASP C 29 -4.08 -21.33 -1.60
N LYS C 30 -3.18 -21.72 -0.70
CA LYS C 30 -1.74 -21.44 -0.86
C LYS C 30 -1.10 -22.41 -1.87
N ASN C 31 -1.80 -23.50 -2.19
CA ASN C 31 -1.40 -24.39 -3.30
C ASN C 31 -2.06 -23.95 -4.60
N LEU C 32 -3.37 -24.21 -4.71
CA LEU C 32 -4.13 -24.03 -5.96
C LEU C 32 -5.19 -22.94 -5.79
N SER C 33 -5.73 -22.44 -6.90
CA SER C 33 -6.72 -21.35 -6.87
C SER C 33 -8.14 -21.88 -6.76
N LEU C 34 -8.86 -21.41 -5.74
CA LEU C 34 -10.15 -21.99 -5.33
C LEU C 34 -11.37 -21.12 -5.70
N ARG C 35 -12.56 -21.67 -5.44
CA ARG C 35 -13.82 -21.07 -5.87
C ARG C 35 -14.94 -21.52 -4.91
N TYR C 36 -15.50 -20.58 -4.14
CA TYR C 36 -16.47 -20.90 -3.08
C TYR C 36 -17.94 -20.74 -3.47
N SER C 37 -18.81 -21.47 -2.78
CA SER C 37 -20.23 -21.48 -3.09
C SER C 37 -21.03 -22.01 -1.89
N VAL C 38 -22.32 -21.65 -1.82
CA VAL C 38 -23.19 -22.17 -0.77
C VAL C 38 -24.42 -22.83 -1.34
N THR C 39 -24.99 -23.75 -0.57
CA THR C 39 -26.13 -24.54 -1.00
C THR C 39 -27.10 -24.77 0.15
N GLY C 40 -28.38 -24.97 -0.20
CA GLY C 40 -29.42 -25.31 0.76
C GLY C 40 -30.52 -24.28 0.78
N PRO C 41 -31.62 -24.57 1.50
CA PRO C 41 -32.72 -23.62 1.61
C PRO C 41 -32.21 -22.34 2.26
N GLY C 42 -32.21 -21.26 1.48
CA GLY C 42 -31.61 -19.99 1.90
C GLY C 42 -30.64 -19.43 0.87
N ALA C 43 -30.01 -20.32 0.10
CA ALA C 43 -29.02 -19.92 -0.90
C ALA C 43 -29.46 -20.27 -2.32
N ASP C 44 -29.28 -21.53 -2.71
CA ASP C 44 -29.60 -22.00 -4.07
C ASP C 44 -31.00 -22.63 -4.17
N GLN C 45 -31.49 -23.16 -3.05
CA GLN C 45 -32.84 -23.73 -2.97
C GLN C 45 -33.77 -22.72 -2.29
N PRO C 46 -35.09 -22.85 -2.52
CA PRO C 46 -36.04 -21.86 -1.98
C PRO C 46 -36.05 -21.81 -0.44
N PRO C 47 -36.15 -20.59 0.14
CA PRO C 47 -36.10 -19.29 -0.53
C PRO C 47 -34.68 -18.95 -0.96
N THR C 48 -34.49 -18.66 -2.24
CA THR C 48 -33.16 -18.45 -2.79
C THR C 48 -32.62 -17.07 -2.49
N GLY C 49 -31.29 -16.96 -2.52
CA GLY C 49 -30.60 -15.67 -2.58
C GLY C 49 -30.55 -14.86 -1.30
N ILE C 50 -31.01 -15.42 -0.19
CA ILE C 50 -31.00 -14.74 1.09
C ILE C 50 -29.57 -14.68 1.62
N PHE C 51 -28.85 -15.78 1.45
CA PHE C 51 -27.45 -15.87 1.83
C PHE C 51 -26.61 -16.08 0.58
N ILE C 52 -25.48 -15.38 0.52
CA ILE C 52 -24.57 -15.51 -0.60
C ILE C 52 -23.15 -15.58 -0.08
N ILE C 53 -22.26 -16.09 -0.94
CA ILE C 53 -20.83 -16.15 -0.64
C ILE C 53 -20.03 -15.64 -1.83
N ASN C 54 -19.02 -14.83 -1.55
CA ASN C 54 -18.15 -14.30 -2.60
C ASN C 54 -17.28 -15.43 -3.14
N PRO C 55 -17.38 -15.71 -4.45
CA PRO C 55 -16.70 -16.89 -4.99
C PRO C 55 -15.18 -16.92 -4.81
N ILE C 56 -14.55 -15.76 -4.62
CA ILE C 56 -13.10 -15.68 -4.42
C ILE C 56 -12.66 -15.55 -2.96
N SER C 57 -13.33 -14.71 -2.19
CA SER C 57 -12.89 -14.40 -0.83
C SER C 57 -13.44 -15.37 0.21
N GLY C 58 -14.65 -15.85 -0.04
CA GLY C 58 -15.34 -16.75 0.90
C GLY C 58 -16.14 -15.97 1.92
N GLN C 59 -16.33 -14.67 1.68
CA GLN C 59 -17.12 -13.84 2.58
C GLN C 59 -18.59 -14.22 2.47
N LEU C 60 -19.14 -14.72 3.57
CA LEU C 60 -20.56 -15.07 3.66
C LEU C 60 -21.39 -13.84 4.06
N SER C 61 -22.54 -13.65 3.42
CA SER C 61 -23.37 -12.46 3.67
C SER C 61 -24.86 -12.78 3.66
N VAL C 62 -25.64 -11.79 4.07
CA VAL C 62 -27.10 -11.85 4.03
C VAL C 62 -27.62 -10.66 3.24
N THR C 63 -28.59 -10.90 2.37
CA THR C 63 -29.07 -9.87 1.45
C THR C 63 -30.29 -9.08 1.96
N LYS C 64 -31.03 -9.69 2.89
CA LYS C 64 -32.36 -9.24 3.25
C LYS C 64 -32.52 -9.17 4.78
N PRO C 65 -33.47 -8.36 5.28
CA PRO C 65 -33.82 -8.47 6.70
C PRO C 65 -34.55 -9.78 6.96
N LEU C 66 -34.14 -10.52 7.98
CA LEU C 66 -34.73 -11.84 8.26
C LEU C 66 -36.04 -11.78 9.07
N ASP C 67 -36.67 -12.94 9.26
CA ASP C 67 -37.94 -13.01 9.97
C ASP C 67 -38.11 -14.39 10.65
N ARG C 68 -38.11 -14.39 11.97
CA ARG C 68 -38.16 -15.63 12.77
C ARG C 68 -39.51 -16.34 12.70
N GLU C 69 -40.57 -15.57 12.54
CA GLU C 69 -41.91 -16.13 12.48
C GLU C 69 -42.13 -16.91 11.18
N LEU C 70 -41.36 -16.58 10.14
CA LEU C 70 -41.46 -17.26 8.85
C LEU C 70 -40.47 -18.43 8.78
N ILE C 71 -39.18 -18.14 8.93
CA ILE C 71 -38.12 -19.15 8.99
C ILE C 71 -37.21 -18.79 10.17
N ALA C 72 -37.05 -19.71 11.11
CA ALA C 72 -36.26 -19.45 12.32
C ALA C 72 -34.87 -20.11 12.30
N ARG C 73 -34.59 -20.87 11.24
CA ARG C 73 -33.33 -21.60 11.14
C ARG C 73 -33.02 -21.95 9.69
N PHE C 74 -31.73 -21.92 9.33
CA PHE C 74 -31.29 -22.31 8.00
C PHE C 74 -30.17 -23.34 8.12
N HIS C 75 -30.24 -24.39 7.29
N HIS C 75 -30.23 -24.39 7.29
CA HIS C 75 -29.19 -25.43 7.26
CA HIS C 75 -29.19 -25.42 7.25
C HIS C 75 -28.48 -25.38 5.90
C HIS C 75 -28.48 -25.38 5.90
N LEU C 76 -27.42 -24.59 5.83
CA LEU C 76 -26.65 -24.40 4.61
C LEU C 76 -25.41 -25.27 4.60
N ARG C 77 -24.76 -25.33 3.45
CA ARG C 77 -23.50 -26.02 3.28
C ARG C 77 -22.58 -25.19 2.38
N SER C 78 -21.30 -25.16 2.72
CA SER C 78 -20.30 -24.44 1.93
C SER C 78 -19.33 -25.40 1.26
N HIS C 79 -18.94 -25.07 0.03
CA HIS C 79 -18.04 -25.89 -0.77
C HIS C 79 -16.81 -25.11 -1.21
N ALA C 80 -15.74 -25.83 -1.53
CA ALA C 80 -14.54 -25.24 -2.11
C ALA C 80 -14.10 -26.11 -3.27
N VAL C 81 -13.98 -25.52 -4.45
CA VAL C 81 -13.63 -26.27 -5.66
C VAL C 81 -12.51 -25.62 -6.46
N ASP C 82 -11.67 -26.47 -7.06
CA ASP C 82 -10.55 -26.02 -7.89
C ASP C 82 -11.04 -25.45 -9.24
N ILE C 83 -10.11 -25.00 -10.06
CA ILE C 83 -10.42 -24.44 -11.39
C ILE C 83 -11.10 -25.49 -12.27
N ASN C 84 -10.70 -26.75 -12.09
CA ASN C 84 -11.39 -27.91 -12.68
C ASN C 84 -12.85 -27.99 -12.26
N GLY C 85 -13.10 -27.88 -10.96
CA GLY C 85 -14.42 -28.03 -10.37
C GLY C 85 -14.56 -29.27 -9.50
N ASN C 86 -13.47 -29.67 -8.84
CA ASN C 86 -13.47 -30.83 -7.94
C ASN C 86 -13.50 -30.40 -6.49
N GLN C 87 -14.31 -31.07 -5.69
CA GLN C 87 -14.32 -30.81 -4.24
C GLN C 87 -12.91 -31.01 -3.71
N VAL C 88 -12.39 -29.99 -3.02
CA VAL C 88 -11.11 -30.09 -2.33
C VAL C 88 -11.32 -30.14 -0.82
N GLU C 89 -12.57 -30.06 -0.37
CA GLU C 89 -12.92 -30.20 1.04
C GLU C 89 -14.29 -30.84 1.17
N ASN C 90 -14.56 -31.43 2.34
CA ASN C 90 -15.90 -31.90 2.68
C ASN C 90 -16.80 -30.69 2.87
N PRO C 91 -17.99 -30.70 2.25
CA PRO C 91 -18.89 -29.58 2.49
C PRO C 91 -19.04 -29.31 3.98
N MET C 92 -18.88 -28.05 4.37
CA MET C 92 -19.00 -27.65 5.78
C MET C 92 -20.44 -27.25 6.07
N ASP C 93 -21.02 -27.77 7.15
CA ASP C 93 -22.37 -27.37 7.56
C ASP C 93 -22.33 -26.03 8.26
N ILE C 94 -23.16 -25.10 7.79
CA ILE C 94 -23.29 -23.78 8.39
C ILE C 94 -24.73 -23.63 8.87
N VAL C 95 -24.88 -23.29 10.14
CA VAL C 95 -26.21 -23.13 10.71
C VAL C 95 -26.44 -21.67 11.09
N ILE C 96 -27.62 -21.16 10.73
CA ILE C 96 -27.98 -19.78 11.00
C ILE C 96 -29.29 -19.76 11.76
N ASN C 97 -29.27 -19.20 12.97
CA ASN C 97 -30.44 -19.10 13.82
C ASN C 97 -30.94 -17.68 13.83
N VAL C 98 -32.23 -17.51 13.58
CA VAL C 98 -32.84 -16.20 13.59
C VAL C 98 -33.25 -15.85 15.03
N ILE C 99 -32.42 -15.07 15.71
CA ILE C 99 -32.75 -14.58 17.05
C ILE C 99 -34.07 -13.82 17.03
N ASP C 100 -34.87 -14.01 18.08
CA ASP C 100 -36.18 -13.36 18.21
C ASP C 100 -36.07 -11.88 18.57
N MET C 101 -36.96 -11.09 17.99
CA MET C 101 -37.11 -9.69 18.33
C MET C 101 -38.58 -9.43 18.62
N ASN C 102 -38.86 -8.32 19.29
CA ASN C 102 -40.22 -7.99 19.69
C ASN C 102 -40.94 -7.29 18.54
N ASP C 103 -41.38 -8.08 17.56
CA ASP C 103 -41.89 -7.53 16.29
C ASP C 103 -43.35 -7.88 15.98
N ASN C 104 -44.13 -8.22 16.99
CA ASN C 104 -45.60 -8.24 16.87
C ASN C 104 -46.31 -8.21 18.22
N ARG C 105 -47.24 -7.26 18.35
CA ARG C 105 -47.93 -6.98 19.60
C ARG C 105 -48.82 -8.14 20.00
N PRO C 106 -49.18 -8.21 21.30
CA PRO C 106 -50.11 -9.22 21.78
C PRO C 106 -51.45 -9.19 21.03
N GLU C 107 -52.16 -10.32 21.07
CA GLU C 107 -53.42 -10.45 20.34
C GLU C 107 -54.39 -11.24 21.20
N PHE C 108 -55.54 -10.65 21.49
CA PHE C 108 -56.59 -11.34 22.24
C PHE C 108 -57.33 -12.33 21.37
N LEU C 109 -57.73 -13.45 21.96
CA LEU C 109 -58.47 -14.47 21.23
C LEU C 109 -59.85 -14.00 20.80
N HIS C 110 -60.44 -13.07 21.55
CA HIS C 110 -61.69 -12.43 21.17
C HIS C 110 -61.62 -10.94 21.45
N GLN C 111 -62.29 -10.16 20.58
CA GLN C 111 -62.34 -8.72 20.74
C GLN C 111 -63.26 -8.39 21.92
N VAL C 112 -64.38 -9.11 22.01
CA VAL C 112 -65.34 -8.95 23.11
C VAL C 112 -65.46 -10.25 23.91
N TRP C 113 -65.21 -10.15 25.22
CA TRP C 113 -65.33 -11.27 26.15
C TRP C 113 -66.58 -11.08 27.01
N ASN C 114 -67.35 -12.14 27.20
CA ASN C 114 -68.55 -12.08 28.04
C ASN C 114 -68.40 -12.92 29.31
N GLY C 115 -69.04 -12.46 30.39
CA GLY C 115 -68.96 -13.13 31.68
C GLY C 115 -70.12 -12.75 32.58
N SER C 116 -70.23 -13.45 33.70
CA SER C 116 -71.36 -13.27 34.60
C SER C 116 -70.92 -13.29 36.06
N VAL C 117 -71.67 -12.62 36.92
CA VAL C 117 -71.40 -12.59 38.37
C VAL C 117 -72.67 -12.32 39.20
N PRO C 118 -72.99 -13.22 40.16
CA PRO C 118 -74.21 -12.98 40.92
C PRO C 118 -74.12 -11.70 41.76
N GLU C 119 -75.23 -10.97 41.85
CA GLU C 119 -75.27 -9.71 42.62
C GLU C 119 -75.06 -9.99 44.11
N GLY C 120 -74.39 -9.05 44.78
CA GLY C 120 -74.05 -9.20 46.19
C GLY C 120 -72.99 -10.25 46.47
N SER C 121 -72.09 -10.47 45.52
CA SER C 121 -71.06 -11.49 45.67
C SER C 121 -69.92 -11.04 46.59
N LYS C 122 -69.49 -11.97 47.43
CA LYS C 122 -68.28 -11.85 48.23
C LYS C 122 -67.14 -11.30 47.35
N PRO C 123 -66.39 -10.30 47.86
CA PRO C 123 -65.12 -9.96 47.23
C PRO C 123 -64.19 -11.17 47.16
N GLY C 124 -63.49 -11.34 46.04
CA GLY C 124 -62.67 -12.53 45.79
C GLY C 124 -63.42 -13.61 45.04
N THR C 125 -64.33 -13.20 44.15
CA THR C 125 -65.13 -14.11 43.37
C THR C 125 -64.61 -14.17 41.93
N TYR C 126 -64.32 -15.36 41.46
CA TYR C 126 -63.98 -15.56 40.06
C TYR C 126 -65.19 -15.16 39.21
N VAL C 127 -64.94 -14.49 38.09
CA VAL C 127 -66.01 -14.13 37.16
C VAL C 127 -65.75 -14.59 35.72
N MET C 128 -64.50 -14.53 35.28
CA MET C 128 -64.10 -14.98 33.94
C MET C 128 -62.58 -14.94 33.81
N THR C 129 -62.08 -15.44 32.68
CA THR C 129 -60.66 -15.36 32.35
C THR C 129 -60.49 -14.87 30.92
N VAL C 130 -59.76 -13.78 30.73
CA VAL C 130 -59.35 -13.35 29.39
C VAL C 130 -57.94 -13.87 29.14
N THR C 131 -57.62 -14.18 27.89
CA THR C 131 -56.27 -14.61 27.51
C THR C 131 -55.91 -14.11 26.11
N ALA C 132 -54.68 -13.65 25.98
CA ALA C 132 -54.14 -13.21 24.69
C ALA C 132 -52.91 -14.05 24.33
N ILE C 133 -52.46 -13.90 23.08
CA ILE C 133 -51.31 -14.65 22.57
C ILE C 133 -50.26 -13.68 22.04
N ASP C 134 -49.06 -14.19 21.82
CA ASP C 134 -47.98 -13.41 21.21
C ASP C 134 -47.19 -14.31 20.26
N ALA C 135 -47.15 -13.92 18.99
CA ALA C 135 -46.44 -14.68 17.95
C ALA C 135 -44.92 -14.77 18.20
N ASP C 136 -44.37 -13.83 18.96
CA ASP C 136 -42.96 -13.87 19.39
C ASP C 136 -42.71 -15.11 20.26
N ASP C 137 -41.43 -15.34 20.58
CA ASP C 137 -41.02 -16.54 21.32
C ASP C 137 -41.66 -16.56 22.72
N PRO C 138 -42.48 -17.58 23.00
CA PRO C 138 -43.05 -17.72 24.35
C PRO C 138 -42.00 -17.71 25.47
N ASN C 139 -40.82 -18.27 25.21
CA ASN C 139 -39.73 -18.25 26.19
C ASN C 139 -39.11 -16.88 26.41
N ALA C 140 -38.99 -16.09 25.33
CA ALA C 140 -38.37 -14.77 25.41
C ALA C 140 -39.27 -13.76 26.11
N LEU C 141 -38.69 -12.62 26.47
CA LEU C 141 -39.46 -11.52 27.06
C LEU C 141 -40.52 -11.02 26.08
N ASN C 142 -40.17 -11.04 24.80
CA ASN C 142 -41.04 -10.55 23.72
C ASN C 142 -42.41 -11.23 23.66
N GLY C 143 -42.51 -12.44 24.23
CA GLY C 143 -43.78 -13.18 24.27
C GLY C 143 -44.24 -13.62 25.66
N MET C 144 -43.98 -12.78 26.67
CA MET C 144 -44.47 -13.01 28.03
C MET C 144 -45.43 -11.87 28.43
N LEU C 145 -46.72 -12.18 28.49
CA LEU C 145 -47.76 -11.17 28.65
C LEU C 145 -48.11 -10.88 30.10
N ARG C 146 -48.53 -9.63 30.36
CA ARG C 146 -49.04 -9.22 31.67
C ARG C 146 -50.31 -8.37 31.50
N TYR C 147 -51.43 -8.88 32.02
CA TYR C 147 -52.72 -8.22 31.89
C TYR C 147 -52.94 -7.20 33.00
N ARG C 148 -53.88 -6.28 32.75
CA ARG C 148 -54.25 -5.23 33.71
C ARG C 148 -55.44 -4.44 33.17
N ILE C 149 -56.39 -4.08 34.04
CA ILE C 149 -57.60 -3.38 33.63
C ILE C 149 -57.31 -1.89 33.45
N LEU C 150 -57.75 -1.32 32.32
CA LEU C 150 -57.49 0.09 32.01
C LEU C 150 -58.59 1.00 32.52
N SER C 151 -59.84 0.59 32.34
CA SER C 151 -60.96 1.39 32.83
C SER C 151 -62.26 0.60 32.90
N GLN C 152 -63.18 1.10 33.71
CA GLN C 152 -64.45 0.45 34.02
C GLN C 152 -65.59 1.41 33.67
N ALA C 153 -66.74 0.85 33.28
CA ALA C 153 -67.90 1.65 32.94
C ALA C 153 -69.20 0.92 33.26
N PRO C 154 -70.02 1.49 34.18
CA PRO C 154 -69.88 2.75 34.92
C PRO C 154 -68.87 2.68 36.08
N SER C 155 -68.73 3.79 36.80
CA SER C 155 -67.75 3.92 37.88
C SER C 155 -68.37 3.76 39.28
N THR C 156 -69.57 3.18 39.37
CA THR C 156 -70.30 3.08 40.64
C THR C 156 -70.67 1.62 40.97
N PRO C 157 -70.62 1.24 42.27
CA PRO C 157 -70.31 2.04 43.46
C PRO C 157 -68.83 2.39 43.64
N SER C 158 -67.93 1.49 43.24
CA SER C 158 -66.49 1.77 43.21
C SER C 158 -66.04 1.94 41.77
N PRO C 159 -64.97 2.73 41.54
CA PRO C 159 -64.38 2.74 40.19
C PRO C 159 -63.56 1.48 39.87
N ASN C 160 -63.15 0.73 40.90
CA ASN C 160 -62.50 -0.58 40.73
C ASN C 160 -63.28 -1.68 41.44
N MET C 161 -64.32 -2.17 40.78
CA MET C 161 -65.07 -3.30 41.30
C MET C 161 -64.30 -4.59 41.10
N PHE C 162 -63.43 -4.62 40.09
CA PHE C 162 -62.72 -5.82 39.69
C PHE C 162 -61.21 -5.64 39.66
N THR C 163 -60.52 -6.77 39.74
CA THR C 163 -59.10 -6.84 39.50
C THR C 163 -58.86 -7.86 38.40
N ILE C 164 -57.63 -7.91 37.93
CA ILE C 164 -57.22 -8.90 36.95
C ILE C 164 -55.95 -9.52 37.53
N ASN C 165 -55.87 -10.84 37.49
CA ASN C 165 -54.62 -11.51 37.82
C ASN C 165 -53.64 -11.21 36.69
N ASN C 166 -52.58 -10.46 36.99
CA ASN C 166 -51.72 -9.92 35.93
C ASN C 166 -51.06 -10.99 35.04
N GLU C 167 -50.95 -12.22 35.55
CA GLU C 167 -50.36 -13.32 34.80
C GLU C 167 -51.38 -14.19 34.09
N THR C 168 -52.34 -14.73 34.84
CA THR C 168 -53.28 -15.74 34.31
C THR C 168 -54.50 -15.18 33.58
N GLY C 169 -54.83 -13.93 33.84
CA GLY C 169 -56.00 -13.29 33.23
C GLY C 169 -57.31 -13.59 33.95
N ASP C 170 -57.22 -14.16 35.14
CA ASP C 170 -58.39 -14.42 35.99
C ASP C 170 -58.95 -13.13 36.58
N ILE C 171 -60.13 -12.73 36.10
CA ILE C 171 -60.83 -11.57 36.62
C ILE C 171 -61.57 -11.97 37.90
N ILE C 172 -61.42 -11.13 38.92
CA ILE C 172 -61.91 -11.41 40.27
C ILE C 172 -62.56 -10.14 40.83
N THR C 173 -63.57 -10.28 41.69
CA THR C 173 -64.23 -9.12 42.29
C THR C 173 -63.46 -8.65 43.52
N VAL C 174 -63.07 -7.38 43.55
CA VAL C 174 -62.38 -6.84 44.74
C VAL C 174 -63.27 -5.94 45.59
N ALA C 175 -64.34 -5.42 45.01
CA ALA C 175 -65.29 -4.60 45.77
C ALA C 175 -66.61 -5.32 45.93
N ALA C 176 -67.41 -4.81 46.85
CA ALA C 176 -68.71 -5.38 47.16
C ALA C 176 -69.80 -4.38 46.83
N GLY C 177 -71.05 -4.78 47.10
CA GLY C 177 -72.19 -3.97 46.73
C GLY C 177 -72.43 -4.06 45.24
N LEU C 178 -72.33 -5.26 44.69
CA LEU C 178 -72.82 -5.55 43.35
C LEU C 178 -74.33 -5.69 43.45
N ASP C 179 -75.06 -4.99 42.58
CA ASP C 179 -76.49 -4.85 42.76
C ASP C 179 -77.17 -4.60 41.41
N ARG C 180 -77.87 -5.61 40.90
CA ARG C 180 -78.47 -5.54 39.57
C ARG C 180 -79.41 -4.36 39.38
N GLU C 181 -80.17 -4.02 40.41
CA GLU C 181 -81.13 -2.93 40.31
C GLU C 181 -80.43 -1.55 40.26
N LYS C 182 -79.13 -1.53 40.57
CA LYS C 182 -78.33 -0.30 40.44
C LYS C 182 -77.50 -0.28 39.15
N VAL C 183 -76.82 -1.39 38.87
CA VAL C 183 -75.94 -1.51 37.70
C VAL C 183 -75.97 -2.94 37.17
N GLN C 184 -76.53 -3.15 35.97
CA GLN C 184 -76.67 -4.51 35.41
C GLN C 184 -75.38 -5.01 34.77
N GLN C 185 -74.71 -4.12 34.05
CA GLN C 185 -73.52 -4.49 33.30
C GLN C 185 -72.38 -3.53 33.48
N TYR C 186 -71.26 -4.07 33.95
CA TYR C 186 -70.00 -3.37 33.88
C TYR C 186 -69.38 -3.77 32.55
N THR C 187 -68.49 -2.92 32.04
CA THR C 187 -67.74 -3.23 30.84
C THR C 187 -66.33 -2.68 30.98
N LEU C 188 -65.36 -3.59 31.03
CA LEU C 188 -63.96 -3.24 31.25
C LEU C 188 -63.19 -3.28 29.94
N ILE C 189 -62.07 -2.56 29.90
CA ILE C 189 -61.12 -2.65 28.81
C ILE C 189 -59.81 -3.18 29.37
N ILE C 190 -59.50 -4.43 29.04
CA ILE C 190 -58.28 -5.08 29.50
C ILE C 190 -57.19 -4.82 28.48
N GLN C 191 -55.95 -4.72 28.96
CA GLN C 191 -54.78 -4.48 28.12
C GLN C 191 -53.70 -5.51 28.41
N ALA C 192 -53.51 -6.43 27.48
CA ALA C 192 -52.37 -7.33 27.51
C ALA C 192 -51.16 -6.57 27.00
N THR C 193 -50.06 -6.66 27.72
CA THR C 193 -48.84 -5.96 27.33
C THR C 193 -47.63 -6.88 27.56
N ASP C 194 -46.78 -7.01 26.54
CA ASP C 194 -45.69 -7.99 26.53
C ASP C 194 -44.42 -7.47 27.19
N MET C 195 -43.42 -8.34 27.32
CA MET C 195 -42.16 -7.99 27.98
C MET C 195 -42.39 -7.69 29.46
N GLU C 196 -43.03 -8.64 30.14
CA GLU C 196 -43.36 -8.51 31.57
C GLU C 196 -44.15 -7.22 31.84
N GLY C 197 -44.87 -6.74 30.83
CA GLY C 197 -45.62 -5.49 30.93
C GLY C 197 -44.81 -4.22 31.10
N ASN C 198 -43.54 -4.23 30.69
CA ASN C 198 -42.69 -3.04 30.81
C ASN C 198 -43.31 -1.88 30.02
N PRO C 199 -43.64 -0.77 30.72
CA PRO C 199 -44.31 0.38 30.07
C PRO C 199 -43.57 1.00 28.89
N THR C 200 -42.25 1.16 28.99
CA THR C 200 -41.47 1.80 27.93
C THR C 200 -41.26 0.91 26.70
N TYR C 201 -40.76 -0.31 26.93
CA TYR C 201 -40.35 -1.19 25.84
C TYR C 201 -41.46 -2.11 25.30
N GLY C 202 -42.42 -2.48 26.15
CA GLY C 202 -43.43 -3.48 25.78
C GLY C 202 -44.53 -2.97 24.86
N LEU C 203 -44.93 -3.81 23.91
CA LEU C 203 -46.10 -3.55 23.06
C LEU C 203 -47.37 -3.93 23.78
N SER C 204 -48.48 -3.28 23.45
CA SER C 204 -49.77 -3.57 24.06
C SER C 204 -50.85 -3.81 23.02
N ASN C 205 -51.97 -4.34 23.49
CA ASN C 205 -53.20 -4.41 22.69
C ASN C 205 -54.34 -4.56 23.69
N THR C 206 -55.49 -3.99 23.37
CA THR C 206 -56.60 -3.99 24.30
C THR C 206 -57.79 -4.82 23.80
N ALA C 207 -58.61 -5.26 24.75
CA ALA C 207 -59.85 -5.99 24.44
C ALA C 207 -60.91 -5.66 25.49
N THR C 208 -62.16 -5.92 25.14
CA THR C 208 -63.30 -5.56 25.97
C THR C 208 -63.81 -6.78 26.73
N ALA C 209 -64.30 -6.56 27.95
CA ALA C 209 -64.86 -7.63 28.77
C ALA C 209 -66.16 -7.16 29.41
N VAL C 210 -67.27 -7.76 29.01
CA VAL C 210 -68.60 -7.37 29.48
C VAL C 210 -69.12 -8.32 30.56
N ILE C 211 -69.14 -7.84 31.80
CA ILE C 211 -69.59 -8.64 32.94
C ILE C 211 -71.01 -8.21 33.33
N THR C 212 -71.96 -9.13 33.18
CA THR C 212 -73.35 -8.89 33.59
C THR C 212 -73.54 -9.38 35.02
N VAL C 213 -74.18 -8.59 35.87
CA VAL C 213 -74.54 -9.04 37.22
C VAL C 213 -75.96 -9.63 37.22
N THR C 214 -76.12 -10.76 37.91
CA THR C 214 -77.34 -11.57 37.83
C THR C 214 -78.13 -11.55 39.13
N ASP C 215 -79.42 -11.87 39.03
CA ASP C 215 -80.32 -11.88 40.20
C ASP C 215 -80.21 -13.17 40.99
N ASP D 1 -7.52 -29.11 4.95
CA ASP D 1 -8.50 -28.77 6.03
C ASP D 1 -9.19 -27.41 5.81
N TRP D 2 -10.25 -27.15 6.58
CA TRP D 2 -10.96 -25.86 6.57
C TRP D 2 -10.42 -24.94 7.67
N VAL D 3 -9.32 -24.25 7.42
CA VAL D 3 -8.70 -23.38 8.43
C VAL D 3 -9.47 -22.05 8.52
N ILE D 4 -9.45 -21.41 9.70
CA ILE D 4 -10.07 -20.08 9.84
C ILE D 4 -9.11 -19.01 9.33
N PRO D 5 -9.64 -17.95 8.71
CA PRO D 5 -8.77 -16.93 8.13
C PRO D 5 -8.09 -16.05 9.18
N PRO D 6 -7.09 -15.26 8.76
CA PRO D 6 -6.40 -14.39 9.71
C PRO D 6 -7.35 -13.48 10.48
N ILE D 7 -6.98 -13.17 11.71
CA ILE D 7 -7.76 -12.27 12.56
C ILE D 7 -7.09 -10.90 12.60
N ASN D 8 -7.71 -9.91 11.95
CA ASN D 8 -7.13 -8.58 11.88
C ASN D 8 -7.69 -7.66 12.95
N LEU D 9 -6.81 -7.21 13.83
CA LEU D 9 -7.19 -6.59 15.08
C LEU D 9 -6.45 -5.28 15.30
N PRO D 10 -7.15 -4.14 15.20
CA PRO D 10 -6.53 -2.84 15.45
C PRO D 10 -5.86 -2.74 16.82
N GLU D 11 -4.67 -2.14 16.84
CA GLU D 11 -3.98 -1.85 18.08
C GLU D 11 -4.76 -0.81 18.87
N ASN D 12 -4.39 -0.64 20.13
CA ASN D 12 -5.03 0.35 20.99
C ASN D 12 -6.57 0.15 21.00
N SER D 13 -6.95 -1.09 21.29
CA SER D 13 -8.34 -1.51 21.31
C SER D 13 -9.11 -0.79 22.42
N ARG D 14 -10.36 -0.45 22.11
CA ARG D 14 -11.19 0.35 23.00
C ARG D 14 -11.74 -0.48 24.15
N GLY D 15 -12.12 -1.73 23.87
CA GLY D 15 -12.76 -2.59 24.86
C GLY D 15 -14.27 -2.45 24.83
N PRO D 16 -14.96 -2.80 25.94
CA PRO D 16 -14.43 -3.34 27.21
C PRO D 16 -13.77 -4.71 27.04
N PHE D 17 -13.05 -5.17 28.07
CA PHE D 17 -12.27 -6.41 28.01
C PHE D 17 -12.73 -7.45 29.03
N PRO D 18 -12.57 -8.76 28.72
CA PRO D 18 -12.00 -9.29 27.48
C PRO D 18 -13.01 -9.30 26.33
N GLN D 19 -12.59 -8.77 25.16
CA GLN D 19 -13.43 -8.81 23.97
C GLN D 19 -13.21 -10.11 23.22
N GLU D 20 -14.26 -10.63 22.61
CA GLU D 20 -14.19 -11.92 21.96
C GLU D 20 -13.82 -11.71 20.50
N LEU D 21 -13.05 -12.64 19.95
CA LEU D 21 -12.67 -12.60 18.55
C LEU D 21 -13.54 -13.57 17.75
N VAL D 22 -13.28 -14.86 17.92
CA VAL D 22 -13.97 -15.89 17.17
C VAL D 22 -14.21 -17.09 18.06
N ARG D 23 -15.23 -17.87 17.72
CA ARG D 23 -15.48 -19.15 18.39
C ARG D 23 -15.08 -20.25 17.42
N ILE D 24 -14.28 -21.19 17.90
CA ILE D 24 -13.90 -22.37 17.10
C ILE D 24 -14.48 -23.63 17.75
N ARG D 25 -14.71 -24.65 16.94
CA ARG D 25 -15.08 -25.96 17.46
C ARG D 25 -14.79 -27.07 16.45
N SER D 26 -14.78 -28.32 16.95
CA SER D 26 -14.60 -29.51 16.12
C SER D 26 -15.91 -30.28 16.03
N ASP D 27 -16.20 -30.86 14.86
CA ASP D 27 -17.48 -31.58 14.67
C ASP D 27 -17.55 -32.89 15.47
N ARG D 28 -16.53 -33.16 16.28
CA ARG D 28 -16.54 -34.25 17.24
C ARG D 28 -17.31 -33.88 18.54
N ASP D 29 -17.98 -32.72 18.55
CA ASP D 29 -18.84 -32.34 19.68
C ASP D 29 -20.00 -33.30 19.89
N LYS D 30 -20.56 -33.76 18.78
CA LYS D 30 -21.73 -34.66 18.79
C LYS D 30 -21.39 -36.10 19.21
N ASN D 31 -20.11 -36.43 19.23
CA ASN D 31 -19.65 -37.74 19.72
C ASN D 31 -19.29 -37.71 21.20
N LEU D 32 -18.21 -37.02 21.54
CA LEU D 32 -17.66 -37.02 22.91
C LEU D 32 -17.48 -35.61 23.45
N SER D 33 -17.33 -35.51 24.77
CA SER D 33 -17.12 -34.24 25.45
C SER D 33 -15.67 -33.78 25.26
N LEU D 34 -15.49 -32.55 24.79
CA LEU D 34 -14.17 -31.99 24.43
C LEU D 34 -13.73 -30.82 25.32
N ARG D 35 -12.43 -30.54 25.30
CA ARG D 35 -11.84 -29.36 25.96
C ARG D 35 -10.94 -28.63 24.97
N TYR D 36 -11.08 -27.31 24.87
CA TYR D 36 -10.30 -26.51 23.92
C TYR D 36 -9.18 -25.77 24.64
N SER D 37 -8.06 -25.55 23.94
CA SER D 37 -6.92 -24.80 24.49
C SER D 37 -6.05 -24.17 23.40
N VAL D 38 -5.40 -23.06 23.74
CA VAL D 38 -4.47 -22.38 22.82
C VAL D 38 -3.05 -22.32 23.35
N THR D 39 -2.09 -22.31 22.43
CA THR D 39 -0.67 -22.28 22.77
C THR D 39 0.07 -21.25 21.92
N GLY D 40 1.25 -20.87 22.37
CA GLY D 40 2.15 -19.99 21.64
C GLY D 40 2.37 -18.64 22.30
N PRO D 41 3.25 -17.81 21.70
CA PRO D 41 3.50 -16.48 22.22
C PRO D 41 2.23 -15.65 22.12
N GLY D 42 1.70 -15.23 23.28
CA GLY D 42 0.42 -14.55 23.34
C GLY D 42 -0.51 -15.21 24.34
N ALA D 43 -0.53 -16.54 24.31
CA ALA D 43 -1.40 -17.34 25.19
C ALA D 43 -0.61 -17.93 26.36
N ASP D 44 0.17 -18.98 26.09
CA ASP D 44 0.87 -19.71 27.14
C ASP D 44 2.40 -19.55 27.09
N GLN D 45 2.87 -18.56 26.32
CA GLN D 45 4.29 -18.18 26.33
C GLN D 45 4.41 -16.65 26.33
N PRO D 46 5.58 -16.14 26.77
CA PRO D 46 5.72 -14.68 26.84
C PRO D 46 5.50 -13.98 25.50
N PRO D 47 4.64 -12.94 25.47
CA PRO D 47 3.84 -12.44 26.59
C PRO D 47 2.58 -13.27 26.80
N THR D 48 2.42 -13.82 28.00
CA THR D 48 1.31 -14.72 28.31
C THR D 48 0.01 -13.97 28.58
N GLY D 49 -1.11 -14.66 28.36
CA GLY D 49 -2.41 -14.19 28.82
C GLY D 49 -3.10 -13.12 27.99
N ILE D 50 -2.50 -12.73 26.87
CA ILE D 50 -3.12 -11.76 25.97
C ILE D 50 -4.30 -12.41 25.24
N PHE D 51 -4.08 -13.65 24.77
CA PHE D 51 -5.11 -14.41 24.08
C PHE D 51 -5.52 -15.66 24.86
N ILE D 52 -6.79 -15.71 25.26
CA ILE D 52 -7.35 -16.81 26.04
C ILE D 52 -8.47 -17.47 25.26
N ILE D 53 -8.75 -18.72 25.60
CA ILE D 53 -9.89 -19.44 25.02
C ILE D 53 -10.70 -20.14 26.10
N ASN D 54 -12.02 -20.12 25.93
CA ASN D 54 -12.93 -20.83 26.81
C ASN D 54 -12.78 -22.34 26.57
N PRO D 55 -12.43 -23.10 27.61
CA PRO D 55 -12.27 -24.57 27.50
C PRO D 55 -13.46 -25.29 26.86
N ILE D 56 -14.68 -24.87 27.22
CA ILE D 56 -15.91 -25.50 26.76
C ILE D 56 -16.38 -24.97 25.40
N SER D 57 -16.71 -23.69 25.34
CA SER D 57 -17.33 -23.09 24.15
C SER D 57 -16.34 -22.92 23.00
N GLY D 58 -15.07 -22.68 23.34
CA GLY D 58 -14.03 -22.45 22.36
C GLY D 58 -13.97 -20.99 21.93
N GLN D 59 -14.55 -20.11 22.75
CA GLN D 59 -14.58 -18.68 22.47
C GLN D 59 -13.21 -18.07 22.75
N LEU D 60 -12.51 -17.70 21.68
CA LEU D 60 -11.20 -17.06 21.77
C LEU D 60 -11.38 -15.58 22.08
N SER D 61 -10.57 -15.03 22.97
CA SER D 61 -10.72 -13.63 23.36
C SER D 61 -9.41 -12.91 23.63
N VAL D 62 -9.46 -11.58 23.55
CA VAL D 62 -8.32 -10.72 23.82
C VAL D 62 -8.51 -10.05 25.16
N THR D 63 -7.45 -10.02 25.96
CA THR D 63 -7.53 -9.50 27.33
C THR D 63 -7.12 -8.03 27.46
N LYS D 64 -6.22 -7.58 26.58
CA LYS D 64 -5.56 -6.27 26.72
C LYS D 64 -5.59 -5.50 25.40
N PRO D 65 -5.60 -4.16 25.45
CA PRO D 65 -5.42 -3.45 24.19
C PRO D 65 -4.05 -3.77 23.61
N LEU D 66 -3.98 -3.95 22.28
CA LEU D 66 -2.74 -4.34 21.62
C LEU D 66 -1.89 -3.14 21.20
N ASP D 67 -0.67 -3.41 20.76
CA ASP D 67 0.26 -2.37 20.33
C ASP D 67 1.16 -2.95 19.24
N ARG D 68 1.03 -2.43 18.02
CA ARG D 68 1.72 -2.99 16.86
C ARG D 68 3.22 -2.81 16.98
N GLU D 69 3.62 -1.60 17.33
CA GLU D 69 5.03 -1.25 17.44
C GLU D 69 5.76 -2.23 18.37
N LEU D 70 5.05 -2.73 19.39
CA LEU D 70 5.56 -3.83 20.23
C LEU D 70 5.52 -5.15 19.46
N ILE D 71 4.33 -5.72 19.28
CA ILE D 71 4.17 -6.98 18.55
C ILE D 71 3.12 -6.77 17.45
N ALA D 72 3.51 -7.01 16.21
CA ALA D 72 2.66 -6.70 15.06
C ALA D 72 1.94 -7.92 14.52
N ARG D 73 2.22 -9.08 15.11
CA ARG D 73 1.68 -10.34 14.61
C ARG D 73 1.84 -11.41 15.68
N PHE D 74 0.83 -12.25 15.83
CA PHE D 74 0.91 -13.39 16.75
C PHE D 74 0.63 -14.67 16.00
N HIS D 75 1.29 -15.74 16.42
CA HIS D 75 1.12 -17.04 15.80
C HIS D 75 0.71 -18.03 16.87
N LEU D 76 -0.59 -18.33 16.90
CA LEU D 76 -1.16 -19.21 17.91
C LEU D 76 -1.55 -20.52 17.28
N ARG D 77 -1.94 -21.47 18.14
CA ARG D 77 -2.46 -22.75 17.72
C ARG D 77 -3.56 -23.17 18.69
N SER D 78 -4.62 -23.80 18.17
CA SER D 78 -5.72 -24.27 19.00
C SER D 78 -5.76 -25.79 18.99
N HIS D 79 -6.07 -26.38 20.14
CA HIS D 79 -6.06 -27.83 20.31
C HIS D 79 -7.38 -28.32 20.87
N ALA D 80 -7.83 -29.48 20.38
CA ALA D 80 -9.03 -30.11 20.90
C ALA D 80 -8.66 -31.41 21.62
N VAL D 81 -9.05 -31.53 22.89
CA VAL D 81 -8.77 -32.74 23.69
C VAL D 81 -10.01 -33.28 24.38
N ASP D 82 -10.05 -34.60 24.59
CA ASP D 82 -11.19 -35.28 25.20
C ASP D 82 -11.13 -35.26 26.75
N ILE D 83 -12.02 -36.00 27.41
CA ILE D 83 -12.14 -35.98 28.88
C ILE D 83 -10.92 -36.58 29.57
N ASN D 84 -10.29 -37.61 28.98
CA ASN D 84 -9.05 -38.16 29.55
C ASN D 84 -7.78 -37.42 29.09
N GLY D 85 -7.81 -36.81 27.90
CA GLY D 85 -6.76 -35.87 27.48
C GLY D 85 -5.91 -36.25 26.25
N ASN D 86 -6.55 -36.78 25.22
CA ASN D 86 -5.87 -37.09 23.94
C ASN D 86 -5.99 -35.95 22.95
N GLN D 87 -5.33 -36.09 21.80
CA GLN D 87 -5.48 -35.17 20.68
C GLN D 87 -6.51 -35.71 19.68
N VAL D 88 -7.64 -35.03 19.56
CA VAL D 88 -8.74 -35.48 18.67
C VAL D 88 -8.74 -34.78 17.30
N GLU D 89 -8.01 -33.67 17.20
CA GLU D 89 -7.89 -32.89 15.96
C GLU D 89 -6.46 -32.39 15.77
N ASN D 90 -6.07 -32.21 14.52
CA ASN D 90 -4.80 -31.55 14.20
C ASN D 90 -4.84 -30.10 14.65
N PRO D 91 -3.79 -29.63 15.35
CA PRO D 91 -3.81 -28.24 15.77
C PRO D 91 -4.03 -27.33 14.57
N MET D 92 -4.79 -26.25 14.77
CA MET D 92 -5.10 -25.29 13.71
C MET D 92 -4.30 -24.02 13.90
N ASP D 93 -3.73 -23.51 12.81
CA ASP D 93 -3.03 -22.24 12.84
C ASP D 93 -4.03 -21.10 12.97
N ILE D 94 -3.88 -20.31 14.03
CA ILE D 94 -4.65 -19.09 14.23
C ILE D 94 -3.69 -17.90 14.19
N VAL D 95 -3.66 -17.20 13.07
CA VAL D 95 -2.82 -16.03 12.91
C VAL D 95 -3.60 -14.76 13.25
N ILE D 96 -2.95 -13.85 13.96
CA ILE D 96 -3.57 -12.59 14.39
C ILE D 96 -2.66 -11.42 14.05
N ASN D 97 -3.07 -10.63 13.06
CA ASN D 97 -2.35 -9.43 12.68
C ASN D 97 -2.85 -8.28 13.51
N VAL D 98 -1.92 -7.52 14.09
CA VAL D 98 -2.26 -6.29 14.78
C VAL D 98 -2.26 -5.14 13.77
N ILE D 99 -3.42 -4.83 13.21
CA ILE D 99 -3.52 -3.80 12.17
C ILE D 99 -3.07 -2.43 12.69
N ASP D 100 -2.31 -1.72 11.87
CA ASP D 100 -1.66 -0.46 12.26
C ASP D 100 -2.63 0.70 12.45
N MET D 101 -2.42 1.47 13.52
CA MET D 101 -3.14 2.72 13.76
C MET D 101 -2.12 3.85 13.84
N ASN D 102 -2.55 5.06 13.49
CA ASN D 102 -1.68 6.22 13.48
C ASN D 102 -1.42 6.74 14.89
N ASP D 103 -0.79 5.92 15.73
CA ASP D 103 -0.71 6.15 17.16
C ASP D 103 0.62 6.76 17.62
N ASN D 104 1.34 7.39 16.70
CA ASN D 104 2.46 8.25 17.07
C ASN D 104 2.86 9.23 15.95
N ARG D 105 3.21 10.44 16.38
CA ARG D 105 3.50 11.53 15.47
C ARG D 105 4.90 11.39 14.89
N PRO D 106 5.18 12.12 13.79
CA PRO D 106 6.55 12.17 13.28
C PRO D 106 7.55 12.77 14.27
N GLU D 107 8.83 12.61 13.96
CA GLU D 107 9.91 13.04 14.85
C GLU D 107 11.10 13.41 13.97
N PHE D 108 11.60 14.63 14.12
CA PHE D 108 12.80 15.04 13.41
C PHE D 108 14.01 14.53 14.17
N LEU D 109 15.07 14.20 13.43
CA LEU D 109 16.26 13.66 14.04
C LEU D 109 17.00 14.70 14.89
N HIS D 110 16.75 15.98 14.63
CA HIS D 110 17.23 17.06 15.50
C HIS D 110 16.18 18.15 15.63
N GLN D 111 16.23 18.88 16.73
CA GLN D 111 15.35 20.02 16.96
C GLN D 111 15.80 21.24 16.15
N VAL D 112 17.11 21.42 16.06
CA VAL D 112 17.70 22.51 15.28
C VAL D 112 18.61 21.93 14.21
N TRP D 113 18.36 22.27 12.95
CA TRP D 113 19.23 21.87 11.85
C TRP D 113 20.02 23.09 11.42
N ASN D 114 21.19 22.85 10.82
CA ASN D 114 22.01 23.94 10.29
C ASN D 114 22.46 23.68 8.87
N GLY D 115 22.42 24.74 8.05
CA GLY D 115 22.81 24.65 6.66
C GLY D 115 23.49 25.91 6.22
N SER D 116 24.10 25.85 5.05
CA SER D 116 24.87 26.94 4.52
C SER D 116 24.48 27.14 3.08
N VAL D 117 24.61 28.38 2.60
CA VAL D 117 24.46 28.65 1.17
C VAL D 117 25.32 29.87 0.80
N PRO D 118 26.09 29.76 -0.30
CA PRO D 118 26.87 30.93 -0.72
C PRO D 118 25.96 32.08 -1.16
N GLU D 119 26.36 33.30 -0.83
CA GLU D 119 25.59 34.49 -1.18
C GLU D 119 25.50 34.65 -2.70
N GLY D 120 24.41 35.26 -3.18
CA GLY D 120 24.14 35.38 -4.60
C GLY D 120 24.16 34.04 -5.33
N SER D 121 23.40 33.08 -4.80
CA SER D 121 23.30 31.78 -5.43
C SER D 121 22.10 31.76 -6.37
N LYS D 122 22.37 31.35 -7.60
CA LYS D 122 21.36 31.05 -8.60
C LYS D 122 20.20 30.26 -7.95
N PRO D 123 18.95 30.59 -8.30
CA PRO D 123 17.83 29.74 -7.90
C PRO D 123 18.00 28.27 -8.30
N GLY D 124 17.48 27.37 -7.48
CA GLY D 124 17.65 25.93 -7.69
C GLY D 124 18.91 25.39 -7.05
N THR D 125 19.52 26.17 -6.15
CA THR D 125 20.70 25.73 -5.41
C THR D 125 20.30 24.92 -4.17
N TYR D 126 20.93 23.75 -4.01
CA TYR D 126 20.70 22.90 -2.85
C TYR D 126 21.42 23.47 -1.64
N VAL D 127 20.75 23.46 -0.48
CA VAL D 127 21.36 23.97 0.77
C VAL D 127 21.56 22.91 1.85
N MET D 128 20.56 22.06 2.05
CA MET D 128 20.59 21.08 3.14
C MET D 128 19.39 20.16 3.04
N THR D 129 19.37 19.15 3.91
CA THR D 129 18.29 18.17 3.93
C THR D 129 17.88 17.78 5.34
N VAL D 130 16.70 18.20 5.74
CA VAL D 130 16.12 17.72 7.00
C VAL D 130 15.42 16.38 6.77
N THR D 131 15.43 15.52 7.77
CA THR D 131 14.70 14.26 7.68
C THR D 131 14.05 13.91 9.02
N ALA D 132 12.85 13.34 8.91
CA ALA D 132 12.07 12.91 10.06
C ALA D 132 11.68 11.45 9.92
N ILE D 133 11.25 10.87 11.04
CA ILE D 133 10.91 9.46 11.13
C ILE D 133 9.56 9.29 11.80
N ASP D 134 8.91 8.17 11.52
CA ASP D 134 7.62 7.86 12.11
C ASP D 134 7.61 6.39 12.56
N ALA D 135 7.26 6.15 13.82
CA ALA D 135 7.27 4.79 14.37
C ALA D 135 6.19 3.88 13.76
N ASP D 136 5.18 4.47 13.12
CA ASP D 136 4.14 3.70 12.45
C ASP D 136 4.70 2.96 11.22
N ASP D 137 3.85 2.16 10.58
CA ASP D 137 4.25 1.39 9.41
C ASP D 137 4.50 2.33 8.22
N PRO D 138 5.73 2.34 7.69
CA PRO D 138 6.07 3.15 6.51
C PRO D 138 5.23 2.85 5.26
N ASN D 139 4.72 1.63 5.15
CA ASN D 139 3.87 1.23 4.02
C ASN D 139 2.44 1.77 4.13
N ALA D 140 1.97 1.95 5.36
CA ALA D 140 0.67 2.56 5.60
C ALA D 140 0.77 4.07 5.41
N LEU D 141 -0.38 4.73 5.30
CA LEU D 141 -0.43 6.18 5.30
C LEU D 141 0.14 6.68 6.63
N ASN D 142 -0.16 5.95 7.71
CA ASN D 142 0.24 6.31 9.07
C ASN D 142 1.71 6.69 9.26
N GLY D 143 2.57 6.15 8.40
CA GLY D 143 4.00 6.45 8.44
C GLY D 143 4.57 7.03 7.16
N MET D 144 3.74 7.76 6.42
CA MET D 144 4.19 8.42 5.19
C MET D 144 4.22 9.94 5.37
N LEU D 145 5.45 10.50 5.38
CA LEU D 145 5.69 11.89 5.75
C LEU D 145 5.68 12.86 4.57
N ARG D 146 5.24 14.09 4.83
CA ARG D 146 5.37 15.19 3.86
C ARG D 146 5.83 16.48 4.53
N TYR D 147 6.94 17.02 4.03
CA TYR D 147 7.58 18.19 4.61
C TYR D 147 7.05 19.48 4.00
N ARG D 148 7.06 20.54 4.78
CA ARG D 148 6.68 21.87 4.30
C ARG D 148 7.12 22.95 5.28
N ILE D 149 7.48 24.11 4.73
CA ILE D 149 7.97 25.23 5.51
C ILE D 149 6.79 26.05 6.03
N LEU D 150 6.81 26.39 7.32
CA LEU D 150 5.79 27.26 7.89
C LEU D 150 6.22 28.71 7.80
N SER D 151 7.29 29.06 8.50
CA SER D 151 7.73 30.45 8.58
C SER D 151 9.15 30.67 8.06
N GLN D 152 9.48 31.93 7.80
CA GLN D 152 10.81 32.34 7.35
C GLN D 152 11.19 33.69 7.96
N ALA D 153 12.18 33.69 8.86
CA ALA D 153 12.66 34.91 9.50
C ALA D 153 14.13 35.15 9.13
N PRO D 154 14.46 36.34 8.61
CA PRO D 154 13.55 37.43 8.26
C PRO D 154 12.86 37.17 6.90
N SER D 155 11.98 38.09 6.51
CA SER D 155 11.11 37.91 5.35
C SER D 155 11.53 38.68 4.10
N THR D 156 12.76 39.20 4.10
CA THR D 156 13.29 39.96 2.97
C THR D 156 14.47 39.20 2.35
N PRO D 157 14.72 39.40 1.04
CA PRO D 157 13.97 40.22 0.10
C PRO D 157 12.61 39.66 -0.24
N SER D 158 12.55 38.36 -0.56
CA SER D 158 11.28 37.66 -0.76
C SER D 158 10.90 36.99 0.57
N PRO D 159 9.59 36.90 0.88
CA PRO D 159 9.18 36.20 2.11
C PRO D 159 9.27 34.67 2.01
N ASN D 160 9.49 34.13 0.81
CA ASN D 160 9.91 32.75 0.64
C ASN D 160 11.07 32.62 -0.35
N MET D 161 12.28 32.60 0.23
CA MET D 161 13.52 32.43 -0.48
C MET D 161 13.77 30.96 -0.81
N PHE D 162 13.11 30.08 -0.06
CA PHE D 162 13.33 28.64 -0.18
C PHE D 162 12.05 27.86 -0.41
N THR D 163 12.25 26.63 -0.89
CA THR D 163 11.21 25.62 -0.98
C THR D 163 11.75 24.31 -0.40
N ILE D 164 10.84 23.47 0.09
CA ILE D 164 11.20 22.18 0.66
C ILE D 164 10.64 21.12 -0.28
N ASN D 165 11.46 20.14 -0.64
CA ASN D 165 10.97 19.01 -1.41
C ASN D 165 10.03 18.23 -0.51
N ASN D 166 8.73 18.32 -0.78
CA ASN D 166 7.71 17.79 0.14
C ASN D 166 7.89 16.32 0.53
N GLU D 167 8.54 15.54 -0.33
CA GLU D 167 8.82 14.14 -0.02
C GLU D 167 10.17 13.92 0.68
N THR D 168 11.25 14.36 0.04
CA THR D 168 12.62 13.99 0.47
C THR D 168 13.18 14.82 1.61
N GLY D 169 12.69 16.05 1.73
CA GLY D 169 13.17 16.97 2.76
C GLY D 169 14.34 17.82 2.29
N ASP D 170 14.65 17.78 1.00
CA ASP D 170 15.70 18.62 0.43
C ASP D 170 15.24 20.08 0.36
N ILE D 171 16.01 20.99 0.97
CA ILE D 171 15.71 22.41 0.90
C ILE D 171 16.50 23.04 -0.26
N ILE D 172 15.80 23.87 -1.04
CA ILE D 172 16.33 24.44 -2.27
C ILE D 172 16.02 25.94 -2.30
N THR D 173 16.86 26.72 -2.97
CA THR D 173 16.64 28.15 -3.14
C THR D 173 15.74 28.42 -4.35
N VAL D 174 14.69 29.22 -4.15
CA VAL D 174 13.81 29.61 -5.26
C VAL D 174 14.12 31.04 -5.74
N ALA D 175 14.35 31.96 -4.80
CA ALA D 175 14.58 33.36 -5.12
C ALA D 175 16.07 33.69 -5.17
N ALA D 176 16.39 34.82 -5.80
CA ALA D 176 17.74 35.35 -5.82
C ALA D 176 17.84 36.54 -4.85
N GLY D 177 19.00 37.18 -4.79
CA GLY D 177 19.20 38.31 -3.89
C GLY D 177 19.55 37.88 -2.47
N LEU D 178 20.44 36.88 -2.37
CA LEU D 178 20.99 36.44 -1.10
C LEU D 178 22.25 37.27 -0.82
N ASP D 179 22.20 38.11 0.20
CA ASP D 179 23.26 39.06 0.48
C ASP D 179 23.61 38.97 1.96
N ARG D 180 24.86 38.62 2.26
CA ARG D 180 25.30 38.53 3.66
C ARG D 180 25.33 39.89 4.38
N GLU D 181 25.43 40.99 3.63
CA GLU D 181 25.41 42.32 4.24
C GLU D 181 23.99 42.71 4.63
N LYS D 182 23.00 41.97 4.12
CA LYS D 182 21.59 42.26 4.39
C LYS D 182 20.92 41.23 5.30
N VAL D 183 21.09 39.95 4.97
CA VAL D 183 20.55 38.87 5.80
C VAL D 183 21.56 37.73 5.87
N GLN D 184 22.20 37.59 7.03
CA GLN D 184 23.21 36.55 7.29
C GLN D 184 22.66 35.15 7.62
N GLN D 185 21.44 35.08 8.16
CA GLN D 185 20.91 33.83 8.65
C GLN D 185 19.38 33.78 8.61
N TYR D 186 18.86 33.05 7.63
CA TYR D 186 17.43 32.74 7.55
C TYR D 186 17.11 31.60 8.49
N THR D 187 16.04 31.76 9.26
CA THR D 187 15.62 30.73 10.19
C THR D 187 14.21 30.23 9.79
N LEU D 188 14.15 29.01 9.26
CA LEU D 188 12.90 28.38 8.84
C LEU D 188 12.29 27.54 9.94
N ILE D 189 10.98 27.31 9.83
CA ILE D 189 10.33 26.29 10.63
C ILE D 189 9.66 25.29 9.69
N ILE D 190 10.19 24.07 9.69
CA ILE D 190 9.73 23.00 8.83
C ILE D 190 8.80 22.10 9.62
N GLN D 191 7.74 21.64 8.97
CA GLN D 191 6.78 20.74 9.60
C GLN D 191 6.68 19.42 8.86
N ALA D 192 6.95 18.33 9.58
CA ALA D 192 6.75 16.99 9.06
C ALA D 192 5.35 16.57 9.44
N THR D 193 4.61 16.06 8.46
CA THR D 193 3.22 15.68 8.63
C THR D 193 2.99 14.31 8.02
N ASP D 194 2.45 13.38 8.80
CA ASP D 194 2.20 12.01 8.30
C ASP D 194 0.86 11.91 7.56
N MET D 195 0.63 10.75 6.94
CA MET D 195 -0.58 10.48 6.16
C MET D 195 -0.62 11.34 4.91
N GLU D 196 0.48 11.31 4.15
CA GLU D 196 0.62 12.12 2.94
C GLU D 196 0.35 13.61 3.20
N GLY D 197 0.53 14.05 4.45
CA GLY D 197 0.26 15.44 4.82
C GLY D 197 -1.21 15.84 4.75
N ASN D 198 -2.10 14.94 5.17
CA ASN D 198 -3.52 15.24 5.24
C ASN D 198 -3.76 16.23 6.40
N PRO D 199 -4.15 17.49 6.09
CA PRO D 199 -4.21 18.54 7.14
C PRO D 199 -5.15 18.27 8.31
N THR D 200 -6.23 17.51 8.08
CA THR D 200 -7.18 17.18 9.14
C THR D 200 -6.71 15.96 9.92
N TYR D 201 -6.50 14.85 9.21
CA TYR D 201 -6.23 13.54 9.84
C TYR D 201 -4.77 13.27 10.18
N GLY D 202 -3.85 14.10 9.68
CA GLY D 202 -2.42 13.88 9.86
C GLY D 202 -1.86 14.46 11.15
N LEU D 203 -1.01 13.68 11.82
CA LEU D 203 -0.24 14.16 12.97
C LEU D 203 1.01 14.89 12.47
N SER D 204 1.43 15.94 13.19
CA SER D 204 2.57 16.74 12.78
C SER D 204 3.57 16.97 13.91
N ASN D 205 4.75 17.44 13.51
CA ASN D 205 5.76 17.92 14.44
C ASN D 205 6.59 18.94 13.66
N THR D 206 7.18 19.89 14.37
CA THR D 206 8.01 20.92 13.76
C THR D 206 9.47 20.76 14.13
N ALA D 207 10.32 21.45 13.37
CA ALA D 207 11.74 21.57 13.71
C ALA D 207 12.25 22.90 13.13
N THR D 208 13.42 23.34 13.57
CA THR D 208 13.99 24.58 13.08
C THR D 208 15.19 24.32 12.18
N ALA D 209 15.27 25.08 11.08
CA ALA D 209 16.42 25.06 10.19
C ALA D 209 16.99 26.48 10.12
N VAL D 210 18.29 26.59 10.41
CA VAL D 210 18.98 27.88 10.40
C VAL D 210 19.97 27.88 9.25
N ILE D 211 19.62 28.57 8.17
CA ILE D 211 20.45 28.62 6.99
C ILE D 211 21.33 29.87 7.02
N THR D 212 22.64 29.68 7.16
CA THR D 212 23.59 30.78 7.14
C THR D 212 24.02 31.03 5.71
N VAL D 213 23.99 32.31 5.30
CA VAL D 213 24.50 32.69 3.98
C VAL D 213 25.97 33.09 4.15
N THR D 214 26.81 32.72 3.19
CA THR D 214 28.28 32.84 3.36
C THR D 214 28.92 33.70 2.26
N ASP D 215 30.02 34.40 2.60
CA ASP D 215 30.66 35.37 1.68
C ASP D 215 31.42 34.67 0.53
CA CA E . -4.46 -4.80 -14.22
CA CA F . 1.56 -7.62 -13.44
CA CA G . 3.49 -10.56 -16.55
CA CA H . 39.14 19.73 -25.37
CA CA I . 37.06 18.09 -19.15
CA CA J . 34.88 21.57 -15.75
CA CA K . -44.26 -9.35 21.47
CA CA L . -40.36 -12.21 16.88
CA CA M . -40.68 -11.19 12.22
CA CA N . 2.16 8.50 12.52
CA CA O . 0.97 2.52 14.85
CA CA P . 1.15 1.44 19.51
#